data_6NIH
#
_entry.id   6NIH
#
_cell.length_a   79.028
_cell.length_b   74.377
_cell.length_c   106.076
_cell.angle_alpha   90.000
_cell.angle_beta   96.970
_cell.angle_gamma   90.000
#
_symmetry.space_group_name_H-M   'P 1 21 1'
#
loop_
_entity.id
_entity.type
_entity.pdbx_description
1 polymer 'Toll-like receptor 1,Variable lymphocyte receptor B'
2 branched 2-acetamido-2-deoxy-beta-D-glucopyranose-(1-4)-2-acetamido-2-deoxy-beta-D-glucopyranose
3 branched 2-acetamido-2-deoxy-beta-D-glucopyranose-(1-4)-2-acetamido-2-deoxy-beta-D-glucopyranose-(1-4)-2-acetamido-2-deoxy-beta-D-glucopyranose
4 non-polymer 2-acetamido-2-deoxy-beta-D-glucopyranose
5 water water
#
_entity_poly.entity_id   1
_entity_poly.type   'polypeptide(L)'
_entity_poly.pdbx_seq_one_letter_code
;MTSIFHFAIIFMLILQIRIQLSEESEFLVDRSKNGLIHVPKDLSQKTTILNISQNYISELWTSDILSLSKLRILIISHNR
IQYLDISVFKFNQELEYLDLSHNKLVKISCHPTVNLKHLDLSFNAFDALPICKEFGNMSQLKFLGLSTTHLEKSSVLPIA
HLNISKVLLVLGETYGEKEDPEGLQDFNTESLHIVFPTNKEFHFILDVSVKTVANLELSNIKCVLEDNKCSYFLSILAKL
QTNPKLSNLTLNNIETTWNSFIRILQLVWHTTVWYFSISNVKLQGQLDFRDFDYSGTSLKALSIHQVVSDVFGFPQSYIY
EIFSNMNIKNFTVSGTRMVHMLCPSKISPFLHLDFSNNLLTDTVFENCGHLTELETLILQMNQLKELSKIAEMTTQMKSL
QQLDISQNSVSYDEKKGDCSWTKSLLSLNMSSNILTDTIFRCLPPRIKVLDLHSNKIKSIPKQVVKLEALQELNVASNQL
KSVPDGIFDRLTSLQKIWLHTNPWDCSCPRIDYLSRWLNKNSQKEQGSAKCSGSGKPVRSIICPT
;
_entity_poly.pdbx_strand_id   A,B
#
loop_
_chem_comp.id
_chem_comp.type
_chem_comp.name
_chem_comp.formula
NAG D-saccharide, beta linking 2-acetamido-2-deoxy-beta-D-glucopyranose 'C8 H15 N O6'
#
# COMPACT_ATOMS: atom_id res chain seq x y z
N SER A 25 12.06 -2.45 -17.64
CA SER A 25 13.15 -1.71 -18.25
C SER A 25 13.17 -0.26 -17.76
N GLU A 26 14.35 0.24 -17.41
CA GLU A 26 14.49 1.59 -16.89
C GLU A 26 15.96 1.96 -16.80
N PHE A 27 16.51 2.56 -17.86
CA PHE A 27 17.93 2.89 -17.92
C PHE A 27 18.15 4.20 -17.18
N LEU A 28 18.67 4.11 -15.96
CA LEU A 28 18.93 5.28 -15.12
C LEU A 28 20.38 5.72 -15.27
N VAL A 29 20.57 7.00 -15.60
CA VAL A 29 21.89 7.62 -15.68
C VAL A 29 21.96 8.69 -14.60
N ASP A 30 22.67 8.41 -13.52
CA ASP A 30 22.80 9.34 -12.40
C ASP A 30 24.16 10.03 -12.49
N ARG A 31 24.17 11.22 -13.09
CA ARG A 31 25.37 12.06 -13.16
C ARG A 31 25.26 13.28 -12.24
N SER A 32 24.43 13.18 -11.20
CA SER A 32 24.30 14.28 -10.25
C SER A 32 25.58 14.46 -9.44
N LYS A 33 25.85 15.71 -9.08
CA LYS A 33 26.99 16.05 -8.22
C LYS A 33 28.30 15.62 -8.85
N ASN A 34 28.50 16.03 -10.11
CA ASN A 34 29.72 15.70 -10.85
C ASN A 34 30.42 16.95 -11.38
N GLY A 35 30.04 18.13 -10.91
CA GLY A 35 30.66 19.37 -11.34
C GLY A 35 30.52 19.62 -12.82
N LEU A 36 29.42 19.15 -13.42
CA LEU A 36 29.20 19.34 -14.84
C LEU A 36 28.94 20.81 -15.17
N ILE A 37 29.32 21.18 -16.40
CA ILE A 37 29.18 22.55 -16.87
C ILE A 37 28.17 22.64 -18.01
N HIS A 38 28.08 21.61 -18.86
CA HIS A 38 26.99 21.46 -19.81
C HIS A 38 26.40 20.06 -19.65
N VAL A 39 25.37 19.76 -20.43
CA VAL A 39 24.72 18.45 -20.40
C VAL A 39 25.66 17.40 -20.99
N PRO A 40 25.94 16.30 -20.28
CA PRO A 40 26.78 15.25 -20.86
C PRO A 40 26.20 14.78 -22.18
N LYS A 41 27.08 14.53 -23.16
CA LYS A 41 26.66 14.16 -24.50
C LYS A 41 26.76 12.66 -24.77
N ASP A 42 27.79 12.01 -24.24
CA ASP A 42 28.00 10.57 -24.44
C ASP A 42 27.12 9.74 -23.52
N LEU A 43 25.81 9.97 -23.66
CA LEU A 43 24.80 9.25 -22.90
C LEU A 43 24.12 8.22 -23.80
N SER A 44 23.84 7.05 -23.24
CA SER A 44 23.19 5.99 -23.99
C SER A 44 21.83 6.44 -24.51
N GLN A 45 21.49 5.98 -25.72
CA GLN A 45 20.16 6.29 -26.26
C GLN A 45 19.07 5.47 -25.57
N LYS A 46 19.43 4.64 -24.58
CA LYS A 46 18.48 3.91 -23.77
C LYS A 46 18.00 4.69 -22.57
N THR A 47 18.53 5.89 -22.36
CA THR A 47 18.28 6.63 -21.11
C THR A 47 16.81 7.00 -21.02
N THR A 48 16.14 6.44 -20.02
CA THR A 48 14.77 6.82 -19.67
C THR A 48 14.72 7.82 -18.52
N ILE A 49 15.75 7.83 -17.67
CA ILE A 49 15.83 8.73 -16.52
C ILE A 49 17.23 9.33 -16.51
N LEU A 50 17.30 10.65 -16.49
CA LEU A 50 18.57 11.37 -16.51
C LEU A 50 18.63 12.30 -15.30
N ASN A 51 19.54 11.99 -14.38
CA ASN A 51 19.73 12.79 -13.16
C ASN A 51 21.06 13.53 -13.28
N ILE A 52 20.99 14.83 -13.56
CA ILE A 52 22.18 15.67 -13.63
C ILE A 52 22.01 16.83 -12.65
N SER A 53 21.35 16.56 -11.54
CA SER A 53 21.15 17.56 -10.50
C SER A 53 22.47 17.99 -9.87
N GLN A 54 22.45 19.13 -9.20
CA GLN A 54 23.56 19.62 -8.38
C GLN A 54 24.86 19.64 -9.18
N ASN A 55 24.88 20.51 -10.18
CA ASN A 55 26.07 20.73 -10.99
C ASN A 55 26.15 22.22 -11.32
N TYR A 56 26.90 22.54 -12.38
CA TYR A 56 27.16 23.93 -12.76
C TYR A 56 26.65 24.24 -14.16
N ILE A 57 25.66 23.49 -14.64
CA ILE A 57 25.16 23.69 -15.99
C ILE A 57 24.45 25.03 -16.07
N SER A 58 24.69 25.75 -17.16
CA SER A 58 24.16 27.10 -17.34
C SER A 58 23.27 27.22 -18.57
N GLU A 59 23.28 26.25 -19.47
CA GLU A 59 22.50 26.30 -20.68
C GLU A 59 21.86 24.94 -20.94
N LEU A 60 20.69 24.96 -21.56
CA LEU A 60 19.94 23.75 -21.90
C LEU A 60 19.50 23.92 -23.35
N TRP A 61 20.16 23.20 -24.25
CA TRP A 61 19.85 23.27 -25.68
C TRP A 61 18.97 22.10 -26.09
N THR A 62 18.50 22.18 -27.34
CA THR A 62 17.73 21.07 -27.91
C THR A 62 18.64 19.90 -28.25
N SER A 63 19.85 20.20 -28.74
CA SER A 63 20.79 19.15 -29.10
C SER A 63 21.33 18.43 -27.88
N ASP A 64 21.21 19.03 -26.69
CA ASP A 64 21.69 18.38 -25.48
C ASP A 64 20.93 17.10 -25.18
N ILE A 65 19.63 17.05 -25.51
CA ILE A 65 18.77 15.96 -25.11
C ILE A 65 17.96 15.36 -26.24
N LEU A 66 18.07 15.87 -27.47
CA LEU A 66 17.18 15.38 -28.53
C LEU A 66 17.43 13.93 -28.85
N SER A 67 18.67 13.46 -28.72
CA SER A 67 19.02 12.09 -29.08
C SER A 67 18.56 11.06 -28.06
N LEU A 68 18.02 11.49 -26.92
CA LEU A 68 17.56 10.55 -25.89
C LEU A 68 16.06 10.35 -26.12
N SER A 69 15.76 9.50 -27.11
CA SER A 69 14.39 9.35 -27.57
C SER A 69 13.46 8.76 -26.51
N LYS A 70 13.97 7.90 -25.62
CA LYS A 70 13.14 7.27 -24.62
C LYS A 70 13.19 8.00 -23.28
N LEU A 71 13.75 9.21 -23.26
CA LEU A 71 13.88 9.95 -22.01
C LEU A 71 12.51 10.28 -21.43
N ARG A 72 12.26 9.84 -20.20
CA ARG A 72 11.00 10.06 -19.51
C ARG A 72 11.13 11.00 -18.32
N ILE A 73 12.24 10.98 -17.61
CA ILE A 73 12.45 11.81 -16.43
C ILE A 73 13.76 12.58 -16.60
N LEU A 74 13.70 13.89 -16.45
CA LEU A 74 14.87 14.76 -16.59
C LEU A 74 14.95 15.65 -15.37
N ILE A 75 16.05 15.52 -14.62
CA ILE A 75 16.24 16.25 -13.37
C ILE A 75 17.52 17.07 -13.50
N ILE A 76 17.36 18.38 -13.63
CA ILE A 76 18.50 19.28 -13.74
C ILE A 76 18.42 20.33 -12.62
N SER A 77 17.81 19.95 -11.50
CA SER A 77 17.71 20.88 -10.38
C SER A 77 19.10 21.22 -9.85
N HIS A 78 19.16 22.30 -9.07
CA HIS A 78 20.41 22.74 -8.47
C HIS A 78 21.51 22.88 -9.51
N ASN A 79 21.19 23.63 -10.56
CA ASN A 79 22.18 24.06 -11.55
C ASN A 79 22.01 25.58 -11.61
N ARG A 80 22.43 26.19 -12.72
CA ARG A 80 22.43 27.64 -12.85
C ARG A 80 22.02 28.06 -14.24
N ILE A 81 20.89 27.52 -14.71
CA ILE A 81 20.35 27.88 -16.00
C ILE A 81 19.54 29.16 -15.82
N GLN A 82 19.74 30.12 -16.72
CA GLN A 82 19.06 31.40 -16.66
C GLN A 82 17.95 31.56 -17.68
N TYR A 83 18.02 30.84 -18.80
CA TYR A 83 17.04 30.93 -19.87
C TYR A 83 16.50 29.54 -20.16
N LEU A 84 15.18 29.43 -20.27
CA LEU A 84 14.51 28.17 -20.56
C LEU A 84 13.64 28.37 -21.80
N ASP A 85 14.10 27.86 -22.93
CA ASP A 85 13.25 27.67 -24.11
C ASP A 85 12.57 26.32 -23.94
N ILE A 86 11.22 26.33 -23.85
CA ILE A 86 10.53 25.08 -23.54
C ILE A 86 10.42 24.15 -24.73
N SER A 87 10.76 24.60 -25.93
CA SER A 87 10.81 23.73 -27.09
C SER A 87 12.10 22.90 -27.18
N VAL A 88 13.01 23.01 -26.20
CA VAL A 88 14.25 22.27 -26.29
C VAL A 88 14.03 20.77 -26.14
N PHE A 89 12.93 20.35 -25.49
CA PHE A 89 12.57 18.94 -25.42
C PHE A 89 11.48 18.56 -26.41
N LYS A 90 11.32 19.34 -27.49
CA LYS A 90 10.25 19.07 -28.46
C LYS A 90 10.40 17.67 -29.05
N PHE A 91 11.63 17.14 -29.11
CA PHE A 91 11.89 15.84 -29.71
C PHE A 91 11.86 14.69 -28.70
N ASN A 92 11.67 14.99 -27.41
CA ASN A 92 11.58 13.95 -26.38
C ASN A 92 10.10 13.66 -26.12
N GLN A 93 9.51 12.89 -27.03
CA GLN A 93 8.07 12.66 -27.00
C GLN A 93 7.63 11.88 -25.76
N GLU A 94 8.55 11.16 -25.11
CA GLU A 94 8.24 10.38 -23.93
C GLU A 94 8.37 11.17 -22.63
N LEU A 95 8.93 12.37 -22.69
CA LEU A 95 9.17 13.15 -21.48
C LEU A 95 7.85 13.47 -20.77
N GLU A 96 7.79 13.18 -19.47
CA GLU A 96 6.64 13.55 -18.66
C GLU A 96 7.01 14.25 -17.35
N TYR A 97 8.30 14.29 -16.98
CA TYR A 97 8.74 14.79 -15.69
C TYR A 97 9.97 15.64 -15.91
N LEU A 98 9.87 16.95 -15.63
CA LEU A 98 10.97 17.87 -15.79
C LEU A 98 11.14 18.67 -14.51
N ASP A 99 12.35 18.67 -13.95
CA ASP A 99 12.65 19.37 -12.71
C ASP A 99 13.80 20.33 -12.97
N LEU A 100 13.51 21.63 -12.98
CA LEU A 100 14.51 22.67 -13.16
C LEU A 100 14.54 23.60 -11.96
N SER A 101 14.18 23.09 -10.78
CA SER A 101 14.14 23.90 -9.59
C SER A 101 15.56 24.21 -9.11
N HIS A 102 15.68 25.28 -8.35
CA HIS A 102 16.97 25.72 -7.82
C HIS A 102 17.97 25.97 -8.94
N ASN A 103 17.55 26.74 -9.94
CA ASN A 103 18.44 27.25 -10.98
C ASN A 103 18.47 28.77 -10.88
N LYS A 104 18.83 29.44 -11.96
CA LYS A 104 18.88 30.91 -12.00
C LYS A 104 17.95 31.45 -13.08
N LEU A 105 16.87 30.73 -13.35
CA LEU A 105 15.98 31.08 -14.45
C LEU A 105 15.39 32.47 -14.25
N VAL A 106 15.70 33.37 -15.17
CA VAL A 106 15.10 34.70 -15.20
C VAL A 106 14.24 34.93 -16.44
N LYS A 107 14.31 34.04 -17.43
CA LYS A 107 13.62 34.21 -18.70
C LYS A 107 13.13 32.85 -19.18
N ILE A 108 11.96 32.83 -19.81
CA ILE A 108 11.37 31.61 -20.33
C ILE A 108 10.70 31.94 -21.65
N SER A 109 11.00 31.17 -22.69
CA SER A 109 10.43 31.38 -24.01
C SER A 109 9.31 30.38 -24.22
N CYS A 110 8.15 30.87 -24.64
CA CYS A 110 6.97 30.04 -24.79
C CYS A 110 6.87 29.58 -26.24
N HIS A 111 6.84 28.26 -26.45
CA HIS A 111 6.76 27.64 -27.76
C HIS A 111 6.05 26.28 -27.60
N PRO A 112 5.53 25.74 -28.71
CA PRO A 112 4.94 24.38 -28.63
C PRO A 112 5.97 23.37 -28.13
N THR A 113 5.50 22.40 -27.35
CA THR A 113 6.40 21.39 -26.77
C THR A 113 5.58 20.17 -26.38
N VAL A 114 6.16 19.30 -25.55
CA VAL A 114 5.57 18.01 -25.16
C VAL A 114 4.69 18.17 -23.94
N ASN A 115 3.71 17.27 -23.80
CA ASN A 115 2.81 17.26 -22.65
C ASN A 115 3.55 16.67 -21.45
N LEU A 116 3.82 17.50 -20.45
CA LEU A 116 4.45 17.03 -19.22
C LEU A 116 3.38 16.69 -18.19
N LYS A 117 3.72 15.75 -17.31
CA LYS A 117 2.92 15.50 -16.12
C LYS A 117 3.45 16.24 -14.90
N HIS A 118 4.71 16.67 -14.94
CA HIS A 118 5.39 17.25 -13.79
C HIS A 118 6.40 18.26 -14.30
N LEU A 119 6.21 19.53 -13.93
CA LEU A 119 7.09 20.61 -14.35
C LEU A 119 7.41 21.45 -13.12
N ASP A 120 8.70 21.52 -12.77
CA ASP A 120 9.15 22.20 -11.56
C ASP A 120 10.04 23.37 -11.96
N LEU A 121 9.50 24.59 -11.83
CA LEU A 121 10.27 25.81 -12.01
C LEU A 121 10.42 26.58 -10.70
N SER A 122 10.20 25.92 -9.56
CA SER A 122 10.27 26.58 -8.28
C SER A 122 11.71 26.96 -7.93
N PHE A 123 11.82 27.96 -7.06
CA PHE A 123 13.13 28.43 -6.60
C PHE A 123 14.00 28.90 -7.75
N ASN A 124 13.43 29.80 -8.56
CA ASN A 124 14.17 30.50 -9.61
C ASN A 124 13.93 32.00 -9.45
N ALA A 125 14.48 32.79 -10.37
CA ALA A 125 14.55 34.23 -10.23
C ALA A 125 13.60 34.96 -11.18
N PHE A 126 12.50 34.34 -11.57
CA PHE A 126 11.54 35.01 -12.44
C PHE A 126 10.94 36.22 -11.74
N ASP A 127 10.73 37.29 -12.50
CA ASP A 127 10.03 38.47 -12.00
C ASP A 127 8.53 38.39 -12.23
N ALA A 128 8.09 37.70 -13.27
CA ALA A 128 6.69 37.42 -13.52
C ALA A 128 6.45 35.92 -13.44
N LEU A 129 5.20 35.53 -13.36
CA LEU A 129 4.85 34.12 -13.19
C LEU A 129 5.19 33.36 -14.46
N PRO A 130 6.15 32.42 -14.44
CA PRO A 130 6.56 31.75 -15.68
C PRO A 130 5.50 30.80 -16.20
N ILE A 131 4.41 31.33 -16.71
CA ILE A 131 3.31 30.52 -17.25
C ILE A 131 3.21 30.81 -18.74
N CYS A 132 3.36 29.78 -19.55
CA CYS A 132 3.24 29.88 -20.99
C CYS A 132 1.85 29.45 -21.41
N LYS A 133 1.34 30.05 -22.49
CA LYS A 133 0.06 29.62 -23.02
C LYS A 133 0.09 28.14 -23.40
N GLU A 134 1.24 27.66 -23.90
CA GLU A 134 1.36 26.26 -24.28
C GLU A 134 1.15 25.34 -23.09
N PHE A 135 1.36 25.84 -21.87
CA PHE A 135 1.06 25.03 -20.69
C PHE A 135 -0.40 24.59 -20.67
N GLY A 136 -1.28 25.29 -21.40
CA GLY A 136 -2.70 24.95 -21.39
C GLY A 136 -3.00 23.61 -22.03
N ASN A 137 -2.19 23.19 -23.01
CA ASN A 137 -2.44 21.94 -23.70
C ASN A 137 -1.91 20.73 -22.94
N MET A 138 -1.29 20.93 -21.78
CA MET A 138 -0.74 19.83 -20.99
C MET A 138 -1.89 19.24 -20.16
N SER A 139 -2.68 18.39 -20.81
CA SER A 139 -3.86 17.82 -20.19
C SER A 139 -3.52 16.91 -19.02
N GLN A 140 -2.29 16.41 -18.94
CA GLN A 140 -1.87 15.52 -17.87
C GLN A 140 -1.00 16.21 -16.83
N LEU A 141 -0.79 17.53 -16.96
CA LEU A 141 0.00 18.27 -15.98
C LEU A 141 -0.63 18.14 -14.60
N LYS A 142 0.08 17.49 -13.68
CA LYS A 142 -0.39 17.23 -12.33
C LYS A 142 0.41 17.92 -11.24
N PHE A 143 1.60 18.42 -11.56
CA PHE A 143 2.40 19.19 -10.61
C PHE A 143 3.02 20.36 -11.35
N LEU A 144 2.86 21.57 -10.81
CA LEU A 144 3.47 22.77 -11.36
C LEU A 144 4.18 23.53 -10.25
N GLY A 145 5.50 23.67 -10.38
CA GLY A 145 6.29 24.45 -9.45
C GLY A 145 6.71 25.77 -10.10
N LEU A 146 6.44 26.87 -9.39
CA LEU A 146 6.62 28.19 -9.96
C LEU A 146 7.44 29.08 -9.02
N SER A 147 8.08 30.09 -9.62
CA SER A 147 8.83 31.10 -8.89
C SER A 147 8.43 32.46 -9.43
N THR A 148 8.39 33.47 -8.56
CA THR A 148 7.96 34.78 -8.98
C THR A 148 8.20 35.80 -7.87
N THR A 149 8.30 37.06 -8.26
CA THR A 149 8.25 38.18 -7.34
C THR A 149 7.02 39.06 -7.56
N HIS A 150 6.22 38.76 -8.58
CA HIS A 150 5.05 39.57 -8.94
CA HIS A 150 5.04 39.57 -8.91
C HIS A 150 3.96 38.66 -9.44
N LEU A 151 2.81 38.64 -8.77
CA LEU A 151 1.71 37.74 -9.10
C LEU A 151 0.52 38.57 -9.56
N GLU A 152 0.20 38.49 -10.84
CA GLU A 152 -1.03 39.06 -11.38
C GLU A 152 -2.04 37.95 -11.59
N LYS A 153 -3.27 38.17 -11.11
CA LYS A 153 -4.31 37.15 -11.20
C LYS A 153 -4.48 36.64 -12.63
N SER A 154 -4.34 37.54 -13.61
CA SER A 154 -4.62 37.17 -15.00
C SER A 154 -3.52 36.31 -15.61
N SER A 155 -2.31 36.32 -15.06
CA SER A 155 -1.22 35.54 -15.65
C SER A 155 -1.42 34.06 -15.49
N VAL A 156 -2.28 33.63 -14.55
CA VAL A 156 -2.59 32.22 -14.35
C VAL A 156 -3.64 31.71 -15.33
N LEU A 157 -4.20 32.57 -16.17
CA LEU A 157 -5.38 32.20 -16.93
C LEU A 157 -5.15 31.01 -17.86
N PRO A 158 -4.02 30.89 -18.56
CA PRO A 158 -3.86 29.74 -19.48
C PRO A 158 -4.07 28.39 -18.83
N ILE A 159 -3.79 28.26 -17.54
CA ILE A 159 -3.91 26.97 -16.85
C ILE A 159 -5.14 26.91 -15.96
N ALA A 160 -5.97 27.95 -15.96
CA ALA A 160 -7.15 27.99 -15.09
C ALA A 160 -8.21 26.96 -15.47
N HIS A 161 -8.08 26.31 -16.62
CA HIS A 161 -9.01 25.28 -17.05
C HIS A 161 -8.51 23.87 -16.78
N LEU A 162 -7.26 23.73 -16.36
CA LEU A 162 -6.66 22.43 -16.07
C LEU A 162 -6.93 22.01 -14.63
N ASN A 163 -7.14 20.72 -14.43
CA ASN A 163 -7.38 20.18 -13.09
C ASN A 163 -6.04 19.70 -12.51
N ILE A 164 -5.21 20.68 -12.13
CA ILE A 164 -3.90 20.38 -11.57
C ILE A 164 -4.06 19.86 -10.15
N SER A 165 -3.22 18.89 -9.78
CA SER A 165 -3.31 18.30 -8.45
C SER A 165 -2.57 19.11 -7.40
N LYS A 166 -1.35 19.57 -7.71
CA LYS A 166 -0.57 20.32 -6.75
C LYS A 166 0.24 21.41 -7.44
N VAL A 167 0.24 22.59 -6.83
CA VAL A 167 1.04 23.72 -7.30
C VAL A 167 1.93 24.17 -6.15
N LEU A 168 3.23 24.30 -6.42
CA LEU A 168 4.18 24.90 -5.49
C LEU A 168 4.54 26.27 -6.04
N LEU A 169 4.27 27.33 -5.26
CA LEU A 169 4.55 28.69 -5.66
C LEU A 169 5.48 29.32 -4.65
N VAL A 170 6.68 29.67 -5.09
CA VAL A 170 7.70 30.28 -4.25
C VAL A 170 7.71 31.78 -4.56
N LEU A 171 7.34 32.58 -3.57
CA LEU A 171 7.35 34.03 -3.72
C LEU A 171 8.76 34.52 -3.39
N GLY A 172 9.41 35.19 -4.35
CA GLY A 172 10.76 35.65 -4.14
C GLY A 172 10.87 36.61 -2.98
N GLU A 173 12.10 36.82 -2.53
CA GLU A 173 12.33 37.60 -1.32
C GLU A 173 11.79 39.01 -1.47
N THR A 174 11.91 39.59 -2.66
CA THR A 174 11.44 40.96 -2.91
C THR A 174 9.95 41.02 -3.21
N TYR A 175 9.21 39.92 -3.05
CA TYR A 175 7.77 39.96 -3.23
C TYR A 175 7.13 40.80 -2.13
N GLY A 176 6.12 41.57 -2.49
CA GLY A 176 5.43 42.41 -1.53
C GLY A 176 4.85 43.69 -2.12
N GLU A 177 5.56 44.30 -3.05
CA GLU A 177 5.11 45.55 -3.65
C GLU A 177 4.07 45.28 -4.74
N LYS A 178 3.01 46.09 -4.73
CA LYS A 178 1.92 46.03 -5.72
C LYS A 178 1.28 44.65 -5.75
N GLU A 179 0.79 44.21 -4.60
CA GLU A 179 0.18 42.88 -4.47
C GLU A 179 -1.25 42.87 -5.00
N ASP A 180 -1.59 41.80 -5.72
CA ASP A 180 -2.96 41.55 -6.16
C ASP A 180 -3.63 40.59 -5.19
N PRO A 181 -4.71 41.00 -4.49
CA PRO A 181 -5.30 40.09 -3.50
C PRO A 181 -5.94 38.85 -4.10
N GLU A 182 -6.43 38.91 -5.34
CA GLU A 182 -7.05 37.78 -6.00
C GLU A 182 -6.07 37.00 -6.87
N GLY A 183 -4.77 37.19 -6.68
CA GLY A 183 -3.79 36.64 -7.60
C GLY A 183 -3.92 35.14 -7.79
N LEU A 184 -4.44 34.44 -6.79
CA LEU A 184 -4.50 32.98 -6.83
C LEU A 184 -5.88 32.44 -7.21
N GLN A 185 -6.89 33.30 -7.34
CA GLN A 185 -8.26 32.81 -7.44
C GLN A 185 -8.51 32.03 -8.73
N ASP A 186 -7.66 32.18 -9.74
CA ASP A 186 -7.84 31.44 -10.98
C ASP A 186 -7.13 30.09 -10.98
N PHE A 187 -6.23 29.86 -10.03
CA PHE A 187 -5.63 28.53 -9.88
C PHE A 187 -6.71 27.49 -9.64
N ASN A 188 -6.71 26.45 -10.47
CA ASN A 188 -7.58 25.29 -10.29
C ASN A 188 -6.67 24.15 -9.81
N THR A 189 -6.53 24.02 -8.50
CA THR A 189 -5.63 23.01 -7.96
C THR A 189 -6.19 22.48 -6.64
N GLU A 190 -6.05 21.16 -6.46
CA GLU A 190 -6.53 20.50 -5.25
C GLU A 190 -5.60 20.73 -4.07
N SER A 191 -4.30 20.89 -4.32
CA SER A 191 -3.31 21.13 -3.29
C SER A 191 -2.49 22.35 -3.67
N LEU A 192 -2.29 23.25 -2.72
CA LEU A 192 -1.49 24.46 -2.95
C LEU A 192 -0.49 24.60 -1.82
N HIS A 193 0.77 24.86 -2.18
CA HIS A 193 1.85 25.05 -1.21
C HIS A 193 2.46 26.41 -1.52
N ILE A 194 2.08 27.42 -0.74
CA ILE A 194 2.63 28.76 -0.89
C ILE A 194 3.87 28.86 -0.02
N VAL A 195 4.99 29.25 -0.63
CA VAL A 195 6.25 29.46 0.07
C VAL A 195 6.48 30.96 0.10
N PHE A 196 6.23 31.58 1.26
CA PHE A 196 6.39 33.01 1.42
C PHE A 196 7.86 33.37 1.58
N PRO A 197 8.20 34.66 1.39
CA PRO A 197 9.60 35.07 1.53
C PRO A 197 10.16 34.75 2.90
N THR A 198 11.47 34.51 2.94
CA THR A 198 12.16 34.18 4.17
C THR A 198 12.73 35.44 4.79
N ASN A 199 12.82 35.45 6.12
CA ASN A 199 13.46 36.55 6.85
C ASN A 199 12.69 37.85 6.73
N LYS A 200 11.36 37.79 6.60
CA LYS A 200 10.56 39.00 6.47
C LYS A 200 9.27 38.92 7.28
N GLU A 201 8.93 40.03 7.92
CA GLU A 201 7.66 40.14 8.62
C GLU A 201 6.51 39.91 7.64
N PHE A 202 5.48 39.21 8.09
CA PHE A 202 4.35 38.86 7.23
C PHE A 202 3.41 40.05 7.10
N HIS A 203 3.38 40.67 5.93
CA HIS A 203 2.51 41.82 5.65
C HIS A 203 1.86 41.67 4.28
N PHE A 204 1.50 40.45 3.91
CA PHE A 204 1.07 40.17 2.54
C PHE A 204 -0.43 40.04 2.46
N ILE A 205 -1.01 40.68 1.44
CA ILE A 205 -2.45 40.69 1.20
C ILE A 205 -2.82 39.85 0.00
N LEU A 206 -2.61 38.55 0.09
CA LEU A 206 -2.95 37.61 -0.99
C LEU A 206 -3.92 36.58 -0.43
N ASP A 207 -5.15 36.60 -0.94
CA ASP A 207 -6.16 35.64 -0.51
C ASP A 207 -5.70 34.22 -0.85
N VAL A 208 -5.45 33.42 0.20
CA VAL A 208 -5.04 32.04 0.00
C VAL A 208 -6.22 31.09 -0.05
N SER A 209 -7.44 31.59 0.13
CA SER A 209 -8.65 30.77 -0.01
C SER A 209 -8.99 30.68 -1.48
N VAL A 210 -8.81 29.48 -2.05
CA VAL A 210 -9.02 29.25 -3.46
C VAL A 210 -10.18 28.28 -3.63
N LYS A 211 -11.03 28.54 -4.62
CA LYS A 211 -12.27 27.79 -4.80
C LYS A 211 -12.02 26.29 -4.66
N THR A 212 -11.02 25.79 -5.35
CA THR A 212 -10.81 24.35 -5.55
C THR A 212 -9.80 23.73 -4.60
N VAL A 213 -9.17 24.50 -3.71
CA VAL A 213 -8.10 23.95 -2.87
C VAL A 213 -8.71 23.15 -1.73
N ALA A 214 -8.27 21.89 -1.59
CA ALA A 214 -8.61 21.06 -0.45
C ALA A 214 -7.46 20.92 0.55
N ASN A 215 -6.22 20.98 0.08
CA ASN A 215 -5.05 20.85 0.94
C ASN A 215 -4.19 22.10 0.74
N LEU A 216 -4.18 22.99 1.72
CA LEU A 216 -3.40 24.21 1.65
C LEU A 216 -2.21 24.10 2.61
N GLU A 217 -1.03 24.52 2.12
CA GLU A 217 0.18 24.51 2.91
C GLU A 217 0.88 25.85 2.74
N LEU A 218 1.30 26.44 3.85
CA LEU A 218 1.95 27.75 3.87
C LEU A 218 3.24 27.64 4.65
N SER A 219 4.33 28.14 4.07
CA SER A 219 5.64 28.07 4.70
C SER A 219 6.17 29.48 4.93
N ASN A 220 6.89 29.66 6.04
CA ASN A 220 7.55 30.91 6.37
C ASN A 220 6.56 32.00 6.78
N ILE A 221 6.07 31.93 8.02
CA ILE A 221 5.20 32.94 8.60
C ILE A 221 5.96 33.57 9.77
N LYS A 222 6.24 34.86 9.68
CA LYS A 222 6.99 35.56 10.73
C LYS A 222 6.28 36.85 11.08
N CYS A 223 5.85 36.97 12.34
CA CYS A 223 5.23 38.22 12.84
C CYS A 223 5.54 38.31 14.34
N VAL A 224 6.76 38.76 14.65
CA VAL A 224 7.22 38.98 16.02
C VAL A 224 7.29 40.48 16.32
N LEU A 225 6.13 41.13 16.44
CA LEU A 225 6.11 42.57 16.67
C LEU A 225 4.92 42.99 17.54
N GLU A 226 5.10 44.09 18.25
CA GLU A 226 4.05 44.63 19.11
C GLU A 226 2.95 45.27 18.29
N ASP A 227 3.31 46.19 17.39
CA ASP A 227 2.42 46.94 16.51
C ASP A 227 1.06 46.26 16.31
N ASN A 228 1.04 45.03 15.82
CA ASN A 228 -0.19 44.27 15.68
C ASN A 228 0.17 42.80 15.43
N LYS A 229 -0.21 41.96 16.39
CA LYS A 229 0.16 40.55 16.45
C LYS A 229 -0.40 39.75 15.29
N CYS A 230 0.37 39.62 14.22
CA CYS A 230 0.03 38.79 13.07
C CYS A 230 -1.37 39.07 12.51
N SER A 231 -1.82 40.33 12.61
CA SER A 231 -3.14 40.68 12.07
C SER A 231 -3.24 40.32 10.59
N TYR A 232 -2.19 40.60 9.82
CA TYR A 232 -2.22 40.30 8.39
C TYR A 232 -2.37 38.80 8.15
N PHE A 233 -1.54 38.00 8.82
CA PHE A 233 -1.62 36.55 8.64
C PHE A 233 -2.94 36.00 9.13
N LEU A 234 -3.39 36.45 10.31
CA LEU A 234 -4.69 36.01 10.82
C LEU A 234 -5.82 36.38 9.87
N SER A 235 -5.69 37.51 9.16
CA SER A 235 -6.76 37.96 8.26
C SER A 235 -6.97 36.97 7.13
N ILE A 236 -5.89 36.55 6.45
CA ILE A 236 -6.03 35.60 5.36
C ILE A 236 -6.46 34.24 5.88
N LEU A 237 -6.10 33.90 7.11
CA LEU A 237 -6.57 32.65 7.69
C LEU A 237 -8.08 32.68 7.93
N ALA A 238 -8.61 33.85 8.31
CA ALA A 238 -10.04 33.96 8.56
C ALA A 238 -10.85 33.71 7.30
N LYS A 239 -10.30 34.04 6.13
CA LYS A 239 -11.00 33.76 4.88
C LYS A 239 -10.95 32.28 4.53
N LEU A 240 -10.24 31.46 5.29
CA LEU A 240 -10.26 30.02 5.11
C LEU A 240 -11.45 29.36 5.82
N GLN A 241 -12.30 30.16 6.47
CA GLN A 241 -13.51 29.65 7.08
C GLN A 241 -14.68 29.59 6.11
N THR A 242 -14.61 30.32 4.99
CA THR A 242 -15.72 30.49 4.08
C THR A 242 -15.65 29.56 2.88
N ASN A 243 -14.90 28.46 2.99
CA ASN A 243 -14.81 27.51 1.90
C ASN A 243 -14.92 26.09 2.46
N PRO A 244 -16.02 25.37 2.19
CA PRO A 244 -16.14 24.01 2.71
C PRO A 244 -15.17 23.03 2.08
N LYS A 245 -14.53 23.40 0.96
CA LYS A 245 -13.62 22.48 0.29
C LYS A 245 -12.31 22.33 1.05
N LEU A 246 -11.87 23.36 1.75
CA LEU A 246 -10.61 23.27 2.50
C LEU A 246 -10.72 22.20 3.57
N SER A 247 -9.89 21.17 3.45
CA SER A 247 -9.93 19.99 4.32
C SER A 247 -8.63 19.78 5.08
N ASN A 248 -7.49 20.06 4.46
CA ASN A 248 -6.18 19.88 5.09
CA ASN A 248 -6.18 19.88 5.07
C ASN A 248 -5.42 21.20 5.04
N LEU A 249 -4.89 21.61 6.19
CA LEU A 249 -4.12 22.84 6.31
C LEU A 249 -2.80 22.51 7.00
N THR A 250 -1.69 22.98 6.41
CA THR A 250 -0.37 22.74 6.94
C THR A 250 0.37 24.07 7.03
N LEU A 251 1.09 24.26 8.12
CA LEU A 251 1.88 25.47 8.34
C LEU A 251 3.29 25.09 8.72
N ASN A 252 4.28 25.64 8.02
CA ASN A 252 5.68 25.30 8.26
C ASN A 252 6.48 26.58 8.54
N ASN A 253 7.51 26.42 9.35
CA ASN A 253 8.47 27.48 9.67
C ASN A 253 7.76 28.76 10.12
N ILE A 254 7.23 28.69 11.34
CA ILE A 254 6.48 29.78 11.94
C ILE A 254 7.30 30.38 13.08
N GLU A 255 7.38 31.71 13.09
CA GLU A 255 8.05 32.45 14.16
C GLU A 255 7.16 33.62 14.57
N THR A 256 6.69 33.60 15.81
CA THR A 256 5.79 34.64 16.31
C THR A 256 5.75 34.50 17.82
N THR A 257 4.90 35.32 18.46
CA THR A 257 4.77 35.26 19.91
C THR A 257 3.92 34.05 20.30
N TRP A 258 3.97 33.72 21.59
CA TRP A 258 3.14 32.64 22.11
C TRP A 258 1.66 32.99 22.02
N ASN A 259 1.29 34.25 22.26
CA ASN A 259 -0.11 34.64 22.10
C ASN A 259 -0.57 34.42 20.66
N SER A 260 0.19 34.93 19.69
CA SER A 260 -0.22 34.79 18.29
C SER A 260 -0.31 33.34 17.88
N PHE A 261 0.56 32.48 18.43
CA PHE A 261 0.46 31.05 18.17
C PHE A 261 -0.88 30.49 18.59
N ILE A 262 -1.28 30.77 19.83
CA ILE A 262 -2.56 30.25 20.33
C ILE A 262 -3.72 30.89 19.57
N ARG A 263 -3.56 32.13 19.11
CA ARG A 263 -4.58 32.75 18.27
C ARG A 263 -4.78 31.97 16.97
N ILE A 264 -3.69 31.46 16.40
CA ILE A 264 -3.79 30.71 15.15
C ILE A 264 -4.55 29.40 15.39
N LEU A 265 -4.20 28.70 16.47
CA LEU A 265 -4.92 27.48 16.82
C LEU A 265 -6.41 27.76 16.98
N GLN A 266 -6.74 28.85 17.69
CA GLN A 266 -8.14 29.19 17.93
C GLN A 266 -8.87 29.56 16.66
N LEU A 267 -8.21 30.34 15.79
CA LEU A 267 -8.86 30.76 14.54
C LEU A 267 -9.16 29.57 13.65
N VAL A 268 -8.16 28.73 13.39
CA VAL A 268 -8.36 27.56 12.56
C VAL A 268 -9.32 26.58 13.22
N TRP A 269 -9.46 26.62 14.55
CA TRP A 269 -10.37 25.71 15.22
C TRP A 269 -11.78 25.81 14.66
N HIS A 270 -12.20 27.01 14.27
CA HIS A 270 -13.54 27.23 13.73
C HIS A 270 -13.62 27.12 12.21
N THR A 271 -12.52 26.84 11.54
CA THR A 271 -12.56 26.71 10.08
C THR A 271 -13.27 25.40 9.74
N THR A 272 -13.20 25.01 8.46
CA THR A 272 -13.77 23.76 7.99
C THR A 272 -12.78 22.61 8.03
N VAL A 273 -11.52 22.88 8.39
CA VAL A 273 -10.45 21.90 8.17
C VAL A 273 -10.68 20.65 9.01
N TRP A 274 -10.29 19.51 8.45
CA TRP A 274 -10.29 18.24 9.15
C TRP A 274 -8.93 17.88 9.71
N TYR A 275 -7.86 18.20 8.99
CA TYR A 275 -6.50 17.89 9.37
C TYR A 275 -5.68 19.18 9.39
N PHE A 276 -5.03 19.44 10.51
CA PHE A 276 -4.26 20.65 10.73
C PHE A 276 -2.89 20.24 11.26
N SER A 277 -1.84 20.61 10.55
CA SER A 277 -0.48 20.20 10.88
C SER A 277 0.42 21.43 10.97
N ILE A 278 1.29 21.43 11.98
CA ILE A 278 2.19 22.54 12.23
C ILE A 278 3.56 21.97 12.56
N SER A 279 4.58 22.41 11.83
CA SER A 279 5.94 21.92 12.03
C SER A 279 6.93 23.07 12.00
N ASN A 280 8.03 22.89 12.74
CA ASN A 280 9.06 23.91 12.85
CA ASN A 280 9.06 23.91 12.87
C ASN A 280 8.46 25.25 13.28
N VAL A 281 8.34 25.47 14.59
CA VAL A 281 7.76 26.68 15.15
C VAL A 281 8.74 27.27 16.15
N LYS A 282 8.89 28.59 16.12
CA LYS A 282 9.73 29.33 17.06
C LYS A 282 8.86 30.36 17.76
N LEU A 283 8.59 30.14 19.04
CA LEU A 283 7.66 30.98 19.80
C LEU A 283 8.41 31.77 20.86
N GLN A 284 7.90 32.97 21.14
CA GLN A 284 8.54 33.88 22.09
C GLN A 284 7.48 34.60 22.90
N GLY A 285 7.93 35.23 23.99
CA GLY A 285 7.05 36.00 24.86
C GLY A 285 6.44 35.16 25.96
N GLN A 286 5.67 35.83 26.80
CA GLN A 286 4.94 35.18 27.89
C GLN A 286 3.52 34.93 27.42
N LEU A 287 3.03 33.71 27.62
CA LEU A 287 1.71 33.32 27.15
C LEU A 287 0.65 33.80 28.14
N ASP A 288 -0.24 34.66 27.67
CA ASP A 288 -1.37 35.18 28.43
C ASP A 288 -2.66 34.44 28.10
N PHE A 289 -2.84 34.12 26.82
CA PHE A 289 -4.03 33.47 26.30
C PHE A 289 -4.39 32.21 27.08
N ARG A 290 -5.53 32.24 27.79
CA ARG A 290 -6.12 31.00 28.28
C ARG A 290 -7.63 31.18 28.48
N ASP A 291 -8.37 31.14 27.38
CA ASP A 291 -9.81 31.25 27.38
C ASP A 291 -10.23 30.66 26.04
N PHE A 292 -9.82 29.41 25.81
CA PHE A 292 -9.94 28.81 24.50
C PHE A 292 -11.35 28.31 24.27
N ASP A 293 -11.88 28.58 23.08
CA ASP A 293 -13.23 28.18 22.69
C ASP A 293 -13.11 27.00 21.74
N TYR A 294 -13.49 25.81 22.22
CA TYR A 294 -13.36 24.58 21.44
C TYR A 294 -14.56 24.30 20.56
N SER A 295 -15.60 25.14 20.60
CA SER A 295 -16.86 24.83 19.97
C SER A 295 -16.78 25.06 18.46
N GLY A 296 -17.67 24.39 17.73
CA GLY A 296 -17.79 24.63 16.31
C GLY A 296 -16.63 24.13 15.47
N THR A 297 -15.96 23.06 15.91
CA THR A 297 -14.82 22.53 15.19
C THR A 297 -15.23 21.32 14.34
N SER A 298 -14.54 21.15 13.22
CA SER A 298 -14.63 19.95 12.40
C SER A 298 -13.34 19.13 12.45
N LEU A 299 -12.42 19.48 13.35
CA LEU A 299 -11.09 18.88 13.36
C LEU A 299 -11.15 17.38 13.65
N LYS A 300 -10.42 16.61 12.85
CA LYS A 300 -10.18 15.20 13.11
C LYS A 300 -8.80 14.94 13.71
N ALA A 301 -7.78 15.67 13.25
CA ALA A 301 -6.42 15.44 13.72
C ALA A 301 -5.65 16.76 13.77
N LEU A 302 -4.82 16.89 14.79
CA LEU A 302 -3.92 18.03 14.96
C LEU A 302 -2.57 17.49 15.37
N SER A 303 -1.51 17.92 14.67
CA SER A 303 -0.16 17.53 15.02
C SER A 303 0.72 18.77 15.08
N ILE A 304 1.60 18.81 16.09
CA ILE A 304 2.50 19.93 16.31
C ILE A 304 3.89 19.33 16.49
N HIS A 305 4.76 19.53 15.51
CA HIS A 305 6.11 18.97 15.53
C HIS A 305 7.12 20.10 15.59
N GLN A 306 8.12 19.94 16.46
CA GLN A 306 9.23 20.88 16.53
C GLN A 306 8.76 22.28 16.93
N VAL A 307 8.60 22.50 18.23
CA VAL A 307 8.35 23.83 18.78
C VAL A 307 9.57 24.23 19.59
N VAL A 308 10.07 25.43 19.34
CA VAL A 308 11.19 26.00 20.06
C VAL A 308 10.70 27.28 20.71
N SER A 309 11.05 27.48 21.96
CA SER A 309 10.63 28.64 22.73
C SER A 309 11.82 29.58 22.87
N ASP A 310 11.60 30.71 23.54
CA ASP A 310 12.68 31.65 23.75
C ASP A 310 13.43 31.30 25.03
N VAL A 311 14.30 32.21 25.46
CA VAL A 311 15.22 31.95 26.56
C VAL A 311 14.51 31.35 27.78
N PHE A 312 13.25 31.71 28.00
CA PHE A 312 12.55 31.21 29.18
C PHE A 312 12.08 29.77 29.04
N GLY A 313 11.95 29.27 27.82
CA GLY A 313 11.51 27.90 27.60
C GLY A 313 10.01 27.77 27.52
N PHE A 314 9.55 26.53 27.69
CA PHE A 314 8.14 26.20 27.50
C PHE A 314 7.28 26.88 28.58
N PRO A 315 6.13 27.45 28.21
CA PRO A 315 5.29 28.09 29.22
C PRO A 315 5.00 27.18 30.40
N GLN A 316 5.02 27.75 31.60
CA GLN A 316 4.68 27.00 32.81
C GLN A 316 3.19 27.00 33.12
N SER A 317 2.40 27.79 32.39
CA SER A 317 0.97 27.89 32.67
C SER A 317 0.17 28.09 31.39
N TYR A 318 -1.09 27.66 31.46
CA TYR A 318 -2.08 27.76 30.40
C TYR A 318 -1.96 26.71 29.30
N ILE A 319 -0.76 26.54 28.73
CA ILE A 319 -0.63 25.75 27.51
C ILE A 319 -1.15 24.32 27.71
N TYR A 320 -0.77 23.67 28.80
CA TYR A 320 -1.21 22.29 29.03
C TYR A 320 -2.73 22.24 29.16
N GLU A 321 -3.30 23.25 29.81
CA GLU A 321 -4.75 23.31 29.96
C GLU A 321 -5.42 23.45 28.59
N ILE A 322 -4.79 24.18 27.66
CA ILE A 322 -5.33 24.26 26.30
C ILE A 322 -5.20 22.91 25.60
N PHE A 323 -4.02 22.29 25.72
CA PHE A 323 -3.78 21.03 25.03
C PHE A 323 -4.66 19.91 25.57
N SER A 324 -4.80 19.82 26.89
CA SER A 324 -5.41 18.64 27.51
C SER A 324 -6.90 18.54 27.22
N ASN A 325 -7.57 19.67 26.98
CA ASN A 325 -9.03 19.70 26.85
C ASN A 325 -9.50 19.83 25.41
N MET A 326 -8.65 19.50 24.44
CA MET A 326 -9.03 19.61 23.04
C MET A 326 -10.07 18.54 22.69
N ASN A 327 -11.12 18.97 21.99
CA ASN A 327 -12.25 18.08 21.67
C ASN A 327 -12.03 17.42 20.31
N ILE A 328 -10.94 16.65 20.21
CA ILE A 328 -10.55 15.97 18.99
C ILE A 328 -10.13 14.54 19.32
N LYS A 329 -10.00 13.73 18.27
CA LYS A 329 -9.64 12.33 18.39
C LYS A 329 -8.17 12.03 18.11
N ASN A 330 -7.51 12.76 17.23
CA ASN A 330 -6.09 12.56 16.94
C ASN A 330 -5.31 13.81 17.33
N PHE A 331 -4.24 13.61 18.09
CA PHE A 331 -3.46 14.73 18.61
C PHE A 331 -2.01 14.30 18.79
N THR A 332 -1.10 14.96 18.08
CA THR A 332 0.33 14.73 18.22
C THR A 332 1.02 16.00 18.68
N VAL A 333 1.96 15.86 19.61
CA VAL A 333 2.85 16.96 19.98
C VAL A 333 4.24 16.35 20.17
N SER A 334 5.17 16.70 19.29
CA SER A 334 6.51 16.15 19.31
C SER A 334 7.51 17.29 19.10
N GLY A 335 8.73 17.09 19.60
CA GLY A 335 9.79 18.06 19.46
C GLY A 335 9.54 19.34 20.22
N THR A 336 9.25 19.22 21.50
CA THR A 336 8.95 20.37 22.35
C THR A 336 9.51 20.11 23.74
N ARG A 337 9.68 21.19 24.51
CA ARG A 337 10.07 21.11 25.91
C ARG A 337 8.88 20.92 26.83
N MET A 338 7.84 20.24 26.35
CA MET A 338 6.63 20.01 27.11
C MET A 338 6.90 19.04 28.27
N VAL A 339 6.46 19.40 29.47
CA VAL A 339 6.75 18.60 30.65
C VAL A 339 5.52 18.00 31.31
N HIS A 340 4.32 18.52 31.07
CA HIS A 340 3.11 17.93 31.62
C HIS A 340 2.06 17.76 30.53
N MET A 341 1.09 16.89 30.83
CA MET A 341 -0.17 16.84 30.10
C MET A 341 -1.21 16.39 31.12
N LEU A 342 -2.17 17.25 31.41
CA LEU A 342 -3.05 17.04 32.55
C LEU A 342 -4.31 16.28 32.13
N CYS A 343 -4.96 15.68 33.11
CA CYS A 343 -6.24 15.04 32.87
C CYS A 343 -7.22 16.06 32.30
N PRO A 344 -7.93 15.75 31.22
CA PRO A 344 -8.92 16.71 30.70
C PRO A 344 -9.96 17.03 31.75
N SER A 345 -10.45 18.29 31.71
CA SER A 345 -11.46 18.73 32.67
C SER A 345 -12.72 17.88 32.56
N LYS A 346 -13.20 17.63 31.34
CA LYS A 346 -14.40 16.85 31.09
C LYS A 346 -13.98 15.52 30.46
N ILE A 347 -14.96 14.63 30.24
CA ILE A 347 -14.62 13.35 29.63
C ILE A 347 -14.16 13.63 28.20
N SER A 348 -12.92 13.19 27.86
CA SER A 348 -12.28 13.63 26.63
C SER A 348 -12.50 12.65 25.48
N PRO A 349 -12.63 13.17 24.26
CA PRO A 349 -12.70 12.30 23.07
C PRO A 349 -11.35 11.84 22.53
N PHE A 350 -10.24 12.08 23.23
CA PHE A 350 -8.93 11.68 22.73
C PHE A 350 -8.93 10.20 22.38
N LEU A 351 -8.44 9.89 21.18
CA LEU A 351 -8.45 8.53 20.63
C LEU A 351 -7.06 8.01 20.28
N HIS A 352 -6.21 8.85 19.68
CA HIS A 352 -4.85 8.46 19.34
C HIS A 352 -3.95 9.63 19.70
N LEU A 353 -3.15 9.46 20.74
CA LEU A 353 -2.26 10.50 21.24
C LEU A 353 -0.82 10.07 21.01
N ASP A 354 -0.04 10.94 20.35
CA ASP A 354 1.38 10.70 20.12
C ASP A 354 2.12 11.87 20.74
N PHE A 355 2.72 11.63 21.90
CA PHE A 355 3.50 12.64 22.63
C PHE A 355 4.96 12.24 22.67
N SER A 356 5.44 11.63 21.58
CA SER A 356 6.82 11.16 21.53
C SER A 356 7.77 12.34 21.38
N ASN A 357 8.94 12.19 22.00
CA ASN A 357 10.01 13.18 21.90
C ASN A 357 9.63 14.49 22.58
N ASN A 358 9.31 14.43 23.86
CA ASN A 358 9.17 15.64 24.67
C ASN A 358 9.96 15.46 25.97
N LEU A 359 9.54 16.11 27.06
CA LEU A 359 10.19 15.99 28.34
C LEU A 359 9.19 15.62 29.44
N LEU A 360 8.11 14.95 29.06
CA LEU A 360 7.09 14.57 30.02
C LEU A 360 7.64 13.60 31.06
N THR A 361 7.07 13.64 32.26
CA THR A 361 7.44 12.74 33.33
C THR A 361 6.30 11.77 33.61
N ASP A 362 6.50 10.92 34.62
CA ASP A 362 5.59 9.80 34.87
C ASP A 362 4.22 10.23 35.37
N THR A 363 4.07 11.46 35.84
CA THR A 363 2.80 11.90 36.40
C THR A 363 1.81 12.36 35.33
N VAL A 364 2.17 12.28 34.05
CA VAL A 364 1.27 12.71 32.99
C VAL A 364 -0.04 11.94 33.07
N PHE A 365 -1.15 12.67 32.96
CA PHE A 365 -2.49 12.08 32.98
C PHE A 365 -2.77 11.28 34.24
N GLU A 366 -2.09 11.58 35.35
CA GLU A 366 -2.32 10.81 36.56
C GLU A 366 -3.71 11.07 37.12
N ASN A 367 -4.22 10.08 37.85
CA ASN A 367 -5.50 10.20 38.55
C ASN A 367 -6.59 10.70 37.61
N CYS A 368 -6.68 10.05 36.44
CA CYS A 368 -7.52 10.51 35.36
C CYS A 368 -8.52 9.41 35.00
N GLY A 369 -9.81 9.75 35.03
CA GLY A 369 -10.84 8.85 34.58
C GLY A 369 -11.60 9.39 33.39
N HIS A 370 -10.98 10.31 32.65
CA HIS A 370 -11.62 10.99 31.54
C HIS A 370 -11.04 10.60 30.18
N LEU A 371 -10.16 9.60 30.14
CA LEU A 371 -9.59 9.14 28.89
C LEU A 371 -10.00 7.70 28.63
N THR A 372 -11.30 7.41 28.77
CA THR A 372 -11.81 6.06 28.63
C THR A 372 -11.99 5.63 27.17
N GLU A 373 -11.86 6.56 26.22
CA GLU A 373 -11.93 6.23 24.81
C GLU A 373 -10.56 6.09 24.16
N LEU A 374 -9.49 6.48 24.86
CA LEU A 374 -8.16 6.42 24.29
C LEU A 374 -7.78 4.99 23.93
N GLU A 375 -7.36 4.78 22.68
CA GLU A 375 -6.97 3.46 22.20
C GLU A 375 -5.46 3.28 22.03
N THR A 376 -4.74 4.35 21.70
CA THR A 376 -3.30 4.27 21.53
C THR A 376 -2.65 5.51 22.15
N LEU A 377 -1.53 5.30 22.83
CA LEU A 377 -0.79 6.39 23.47
C LEU A 377 0.69 6.13 23.30
N ILE A 378 1.38 7.07 22.67
CA ILE A 378 2.82 6.98 22.41
C ILE A 378 3.51 8.04 23.25
N LEU A 379 4.30 7.59 24.23
CA LEU A 379 5.13 8.46 25.05
C LEU A 379 6.61 8.15 24.83
N GLN A 380 6.95 7.66 23.65
CA GLN A 380 8.33 7.33 23.33
C GLN A 380 9.23 8.56 23.47
N MET A 381 10.40 8.36 24.07
CA MET A 381 11.44 9.39 24.17
C MET A 381 10.93 10.62 24.94
N ASN A 382 10.77 10.39 26.25
CA ASN A 382 10.41 11.44 27.19
C ASN A 382 11.31 11.34 28.42
N GLN A 383 10.74 11.38 29.62
CA GLN A 383 11.51 11.28 30.86
C GLN A 383 10.80 10.36 31.85
N LEU A 384 10.21 9.29 31.34
CA LEU A 384 9.53 8.31 32.19
C LEU A 384 10.58 7.45 32.90
N LYS A 385 10.28 7.08 34.15
CA LYS A 385 11.30 6.47 34.99
C LYS A 385 10.80 5.25 35.77
N GLU A 386 9.61 5.33 36.33
CA GLU A 386 9.08 4.26 37.19
C GLU A 386 7.85 3.64 36.52
N LEU A 387 7.91 2.32 36.28
CA LEU A 387 6.86 1.66 35.52
C LEU A 387 5.57 1.51 36.34
N SER A 388 5.69 1.27 37.65
CA SER A 388 4.49 1.16 38.48
C SER A 388 3.63 2.40 38.34
N LYS A 389 4.25 3.59 38.30
CA LYS A 389 3.52 4.83 38.11
C LYS A 389 2.86 4.89 36.74
N ILE A 390 3.55 4.39 35.71
CA ILE A 390 3.00 4.45 34.35
C ILE A 390 1.82 3.49 34.21
N ALA A 391 1.90 2.33 34.85
CA ALA A 391 0.78 1.38 34.79
C ALA A 391 -0.44 1.94 35.53
N GLU A 392 -0.22 2.66 36.62
CA GLU A 392 -1.33 3.32 37.31
C GLU A 392 -2.01 4.34 36.42
N MET A 393 -1.22 5.07 35.62
CA MET A 393 -1.80 5.98 34.64
C MET A 393 -2.77 5.25 33.73
N THR A 394 -2.47 3.99 33.41
CA THR A 394 -3.23 3.25 32.41
C THR A 394 -4.54 2.68 32.93
N THR A 395 -4.71 2.59 34.26
CA THR A 395 -5.81 1.81 34.82
C THR A 395 -7.16 2.26 34.27
N GLN A 396 -7.47 3.54 34.35
CA GLN A 396 -8.78 4.03 33.94
C GLN A 396 -8.89 4.23 32.43
N MET A 397 -7.82 4.00 31.68
CA MET A 397 -7.88 4.05 30.21
C MET A 397 -8.39 2.68 29.75
N LYS A 398 -9.71 2.52 29.83
CA LYS A 398 -10.34 1.22 29.67
C LYS A 398 -10.41 0.75 28.22
N SER A 399 -10.12 1.62 27.27
CA SER A 399 -10.10 1.24 25.86
C SER A 399 -8.68 1.19 25.30
N LEU A 400 -7.66 1.43 26.13
CA LEU A 400 -6.29 1.54 25.65
C LEU A 400 -5.82 0.19 25.11
N GLN A 401 -5.45 0.16 23.84
CA GLN A 401 -4.97 -1.06 23.20
C GLN A 401 -3.46 -1.09 22.98
N GLN A 402 -2.83 0.06 22.74
CA GLN A 402 -1.41 0.14 22.48
C GLN A 402 -0.78 1.22 23.35
N LEU A 403 0.39 0.91 23.90
CA LEU A 403 1.13 1.87 24.73
C LEU A 403 2.61 1.78 24.38
N ASP A 404 3.19 2.92 24.00
CA ASP A 404 4.60 3.01 23.64
C ASP A 404 5.30 3.95 24.62
N ILE A 405 6.18 3.39 25.45
CA ILE A 405 6.98 4.19 26.38
C ILE A 405 8.45 3.91 26.13
N SER A 406 8.80 3.63 24.87
CA SER A 406 10.16 3.28 24.52
C SER A 406 11.10 4.49 24.59
N GLN A 407 12.40 4.18 24.68
CA GLN A 407 13.46 5.19 24.67
C GLN A 407 13.33 6.18 25.83
N ASN A 408 13.10 5.63 27.02
CA ASN A 408 13.12 6.42 28.25
C ASN A 408 14.17 5.83 29.19
N SER A 409 13.96 5.96 30.50
CA SER A 409 14.82 5.33 31.50
C SER A 409 13.95 4.66 32.55
N VAL A 410 13.03 3.82 32.07
CA VAL A 410 12.02 3.21 32.94
C VAL A 410 12.61 1.97 33.59
N SER A 411 12.60 1.95 34.92
CA SER A 411 12.84 0.73 35.68
C SER A 411 11.54 0.32 36.37
N TYR A 412 11.48 -0.94 36.76
CA TYR A 412 10.35 -1.47 37.50
C TYR A 412 10.85 -2.04 38.82
N ASP A 413 10.25 -1.57 39.92
CA ASP A 413 10.63 -1.99 41.25
C ASP A 413 9.67 -3.11 41.68
N GLU A 414 10.17 -4.34 41.66
CA GLU A 414 9.37 -5.49 42.06
C GLU A 414 8.74 -5.29 43.43
N LYS A 415 9.35 -4.46 44.27
CA LYS A 415 8.82 -4.21 45.60
C LYS A 415 7.46 -3.52 45.56
N LYS A 416 7.17 -2.75 44.50
CA LYS A 416 5.92 -2.01 44.45
C LYS A 416 4.71 -2.94 44.31
N GLY A 417 4.94 -4.22 44.07
CA GLY A 417 3.87 -5.19 43.99
C GLY A 417 3.29 -5.31 42.59
N ASP A 418 2.03 -5.74 42.51
CA ASP A 418 1.39 -5.94 41.21
C ASP A 418 1.20 -4.60 40.50
N CYS A 419 1.20 -4.66 39.17
CA CYS A 419 1.02 -3.48 38.34
C CYS A 419 -0.43 -3.42 37.87
N SER A 420 -1.03 -2.24 37.98
CA SER A 420 -2.45 -2.06 37.66
C SER A 420 -2.65 -1.62 36.21
N TRP A 421 -2.12 -2.43 35.29
CA TRP A 421 -2.36 -2.20 33.88
C TRP A 421 -3.85 -2.36 33.57
N THR A 422 -4.32 -1.63 32.57
CA THR A 422 -5.67 -1.83 32.08
C THR A 422 -5.75 -3.17 31.35
N LYS A 423 -6.87 -3.86 31.51
CA LYS A 423 -7.02 -5.18 30.92
C LYS A 423 -7.10 -5.12 29.40
N SER A 424 -7.37 -3.95 28.82
CA SER A 424 -7.51 -3.82 27.38
C SER A 424 -6.19 -3.78 26.64
N LEU A 425 -5.07 -3.61 27.36
CA LEU A 425 -3.78 -3.40 26.72
C LEU A 425 -3.38 -4.66 25.97
N LEU A 426 -3.18 -4.53 24.65
CA LEU A 426 -2.77 -5.63 23.79
C LEU A 426 -1.33 -5.53 23.33
N SER A 427 -0.85 -4.32 23.01
CA SER A 427 0.50 -4.09 22.54
C SER A 427 1.21 -3.16 23.53
N LEU A 428 2.47 -3.48 23.83
CA LEU A 428 3.25 -2.75 24.83
C LEU A 428 4.69 -2.66 24.36
N ASN A 429 5.13 -1.45 24.02
CA ASN A 429 6.47 -1.17 23.53
C ASN A 429 7.28 -0.53 24.65
N MET A 430 8.23 -1.29 25.22
CA MET A 430 9.09 -0.80 26.28
C MET A 430 10.57 -0.86 25.90
N SER A 431 10.88 -0.86 24.61
CA SER A 431 12.26 -0.94 24.16
C SER A 431 13.06 0.28 24.61
N SER A 432 14.37 0.09 24.77
CA SER A 432 15.30 1.16 25.11
C SER A 432 14.99 1.75 26.49
N ASN A 433 15.08 0.90 27.51
CA ASN A 433 14.95 1.34 28.90
C ASN A 433 15.96 0.55 29.73
N ILE A 434 15.76 0.55 31.05
CA ILE A 434 16.66 -0.16 31.97
C ILE A 434 15.87 -1.16 32.79
N LEU A 435 15.02 -1.96 32.13
CA LEU A 435 14.24 -2.97 32.80
C LEU A 435 15.04 -4.27 32.95
N THR A 436 14.71 -5.03 33.98
CA THR A 436 15.34 -6.31 34.26
C THR A 436 14.34 -7.44 34.00
N ASP A 437 14.73 -8.66 34.35
CA ASP A 437 13.85 -9.82 34.19
C ASP A 437 12.63 -9.76 35.10
N THR A 438 12.61 -8.86 36.08
CA THR A 438 11.42 -8.67 36.90
C THR A 438 10.28 -8.05 36.10
N ILE A 439 10.55 -7.53 34.91
CA ILE A 439 9.51 -6.89 34.11
C ILE A 439 8.36 -7.85 33.85
N PHE A 440 8.64 -9.16 33.78
CA PHE A 440 7.60 -10.13 33.49
C PHE A 440 6.62 -10.31 34.65
N ARG A 441 6.87 -9.68 35.79
CA ARG A 441 5.89 -9.60 36.86
C ARG A 441 4.99 -8.37 36.73
N CYS A 442 5.24 -7.52 35.74
CA CYS A 442 4.53 -6.25 35.57
C CYS A 442 4.11 -6.10 34.11
N LEU A 443 3.31 -7.05 33.64
CA LEU A 443 2.80 -7.08 32.29
C LEU A 443 1.29 -7.25 32.30
N PRO A 444 0.55 -6.54 31.46
CA PRO A 444 -0.90 -6.76 31.39
C PRO A 444 -1.19 -8.20 31.01
N PRO A 445 -2.39 -8.70 31.30
CA PRO A 445 -2.63 -10.15 31.18
C PRO A 445 -2.92 -10.59 29.76
N ARG A 446 -3.59 -9.74 28.98
CA ARG A 446 -3.95 -10.06 27.62
C ARG A 446 -2.87 -9.65 26.62
N ILE A 447 -1.65 -9.40 27.10
CA ILE A 447 -0.58 -8.89 26.23
C ILE A 447 -0.42 -9.81 25.03
N LYS A 448 -0.35 -9.19 23.84
CA LYS A 448 -0.14 -9.90 22.58
C LYS A 448 1.15 -9.50 21.89
N VAL A 449 1.51 -8.22 21.93
CA VAL A 449 2.75 -7.70 21.36
C VAL A 449 3.57 -7.09 22.50
N LEU A 450 4.86 -7.42 22.54
CA LEU A 450 5.72 -7.02 23.66
C LEU A 450 7.13 -6.77 23.14
N ASP A 451 7.52 -5.50 23.09
CA ASP A 451 8.83 -5.11 22.58
C ASP A 451 9.70 -4.66 23.76
N LEU A 452 10.70 -5.48 24.10
CA LEU A 452 11.60 -5.21 25.22
C LEU A 452 13.06 -5.09 24.79
N HIS A 453 13.33 -4.90 23.50
CA HIS A 453 14.72 -4.91 23.07
C HIS A 453 15.43 -3.64 23.58
N SER A 454 16.75 -3.76 23.72
CA SER A 454 17.59 -2.71 24.29
C SER A 454 17.17 -2.44 25.75
N ASN A 455 17.24 -3.51 26.53
CA ASN A 455 16.99 -3.42 27.97
C ASN A 455 18.10 -4.20 28.67
N LYS A 456 17.87 -4.56 29.94
CA LYS A 456 18.87 -5.25 30.74
C LYS A 456 18.35 -6.59 31.23
N ILE A 457 17.66 -7.32 30.36
CA ILE A 457 17.10 -8.63 30.72
C ILE A 457 18.19 -9.68 30.59
N LYS A 458 18.46 -10.39 31.68
CA LYS A 458 19.47 -11.44 31.69
C LYS A 458 18.90 -12.84 31.72
N SER A 459 17.59 -13.00 31.88
CA SER A 459 16.99 -14.32 31.96
C SER A 459 15.49 -14.19 31.71
N ILE A 460 14.85 -15.33 31.50
CA ILE A 460 13.41 -15.40 31.26
C ILE A 460 12.76 -16.24 32.35
N PRO A 461 12.07 -15.64 33.32
CA PRO A 461 11.59 -16.41 34.47
C PRO A 461 10.36 -17.23 34.12
N LYS A 462 9.91 -18.03 35.10
CA LYS A 462 8.78 -18.94 34.87
C LYS A 462 7.45 -18.21 34.71
N GLN A 463 7.40 -16.90 34.92
CA GLN A 463 6.15 -16.17 34.76
C GLN A 463 5.70 -16.08 33.31
N VAL A 464 6.62 -16.27 32.36
CA VAL A 464 6.27 -16.11 30.94
C VAL A 464 5.20 -17.13 30.54
N VAL A 465 5.27 -18.34 31.10
CA VAL A 465 4.34 -19.40 30.69
C VAL A 465 2.89 -18.96 30.86
N LYS A 466 2.62 -17.94 31.68
CA LYS A 466 1.27 -17.46 31.90
C LYS A 466 0.75 -16.58 30.76
N LEU A 467 1.58 -16.26 29.77
CA LEU A 467 1.16 -15.40 28.66
C LEU A 467 0.78 -16.25 27.44
N GLU A 468 -0.36 -16.91 27.54
CA GLU A 468 -0.82 -17.79 26.47
C GLU A 468 -1.12 -17.01 25.20
N ALA A 469 -1.69 -15.81 25.33
CA ALA A 469 -2.12 -15.03 24.17
C ALA A 469 -0.98 -14.31 23.47
N LEU A 470 0.24 -14.38 23.99
CA LEU A 470 1.35 -13.63 23.44
C LEU A 470 1.60 -14.02 21.99
N GLN A 471 1.64 -13.02 21.10
CA GLN A 471 1.87 -13.23 19.68
C GLN A 471 3.22 -12.74 19.19
N GLU A 472 3.73 -11.63 19.73
CA GLU A 472 5.04 -11.12 19.35
C GLU A 472 5.83 -10.73 20.59
N LEU A 473 7.12 -11.07 20.58
CA LEU A 473 8.00 -10.79 21.72
C LEU A 473 9.39 -10.48 21.20
N ASN A 474 9.85 -9.25 21.44
CA ASN A 474 11.14 -8.78 20.94
C ASN A 474 12.06 -8.51 22.13
N VAL A 475 13.03 -9.40 22.35
CA VAL A 475 14.01 -9.23 23.42
C VAL A 475 15.40 -9.14 22.82
N ALA A 476 15.51 -8.63 21.59
CA ALA A 476 16.81 -8.43 20.99
C ALA A 476 17.62 -7.42 21.81
N SER A 477 18.92 -7.37 21.52
CA SER A 477 19.83 -6.40 22.11
C SER A 477 19.67 -6.33 23.63
N ASN A 478 19.67 -7.51 24.26
CA ASN A 478 19.71 -7.62 25.72
C ASN A 478 20.98 -8.38 26.10
N GLN A 479 20.93 -9.19 27.15
CA GLN A 479 22.10 -9.92 27.64
C GLN A 479 21.75 -11.38 27.89
N LEU A 480 20.88 -11.93 27.05
CA LEU A 480 20.39 -13.29 27.24
C LEU A 480 21.47 -14.32 26.92
N LYS A 481 21.66 -15.27 27.83
CA LYS A 481 22.55 -16.40 27.59
C LYS A 481 21.83 -17.70 27.27
N SER A 482 20.64 -17.92 27.81
CA SER A 482 19.87 -19.13 27.54
C SER A 482 18.43 -18.89 27.96
N VAL A 483 17.59 -19.89 27.71
CA VAL A 483 16.21 -19.87 28.19
C VAL A 483 15.92 -21.21 28.87
N PRO A 484 14.92 -21.25 29.74
CA PRO A 484 14.63 -22.49 30.49
C PRO A 484 14.20 -23.63 29.58
N ASP A 485 14.38 -24.85 30.08
CA ASP A 485 13.90 -26.04 29.40
C ASP A 485 12.38 -26.02 29.39
N GLY A 486 11.79 -25.83 28.22
CA GLY A 486 10.35 -25.92 28.08
C GLY A 486 9.57 -24.64 28.35
N ILE A 487 10.20 -23.46 28.23
CA ILE A 487 9.51 -22.22 28.53
C ILE A 487 8.47 -21.85 27.49
N PHE A 488 8.46 -22.55 26.34
CA PHE A 488 7.52 -22.29 25.26
C PHE A 488 6.47 -23.38 25.10
N ASP A 489 6.41 -24.35 26.01
CA ASP A 489 5.47 -25.44 25.84
C ASP A 489 4.02 -24.97 25.91
N ARG A 490 3.77 -23.79 26.47
CA ARG A 490 2.41 -23.27 26.62
C ARG A 490 2.18 -21.92 25.96
N LEU A 491 3.13 -21.41 25.17
CA LEU A 491 2.93 -20.17 24.42
C LEU A 491 2.52 -20.48 22.99
N THR A 492 1.40 -21.17 22.86
CA THR A 492 0.93 -21.69 21.57
C THR A 492 0.53 -20.60 20.59
N SER A 493 0.38 -19.35 21.03
CA SER A 493 -0.09 -18.27 20.18
C SER A 493 1.01 -17.50 19.47
N LEU A 494 2.28 -17.81 19.74
CA LEU A 494 3.38 -17.00 19.24
C LEU A 494 3.51 -17.08 17.73
N GLN A 495 3.86 -15.95 17.10
CA GLN A 495 3.99 -15.89 15.65
C GLN A 495 5.32 -15.30 15.21
N LYS A 496 5.86 -14.35 15.98
CA LYS A 496 7.11 -13.68 15.63
C LYS A 496 7.93 -13.47 16.91
N ILE A 497 9.25 -13.59 16.77
CA ILE A 497 10.15 -13.50 17.92
C ILE A 497 11.53 -13.02 17.46
N TRP A 498 12.09 -12.06 18.20
CA TRP A 498 13.44 -11.57 17.97
C TRP A 498 14.36 -12.05 19.08
N LEU A 499 15.53 -12.57 18.70
CA LEU A 499 16.53 -13.03 19.67
C LEU A 499 17.94 -12.53 19.39
N HIS A 500 18.16 -11.80 18.30
CA HIS A 500 19.51 -11.45 17.89
C HIS A 500 20.13 -10.44 18.87
N THR A 501 21.43 -10.23 18.70
CA THR A 501 22.20 -9.31 19.54
C THR A 501 22.12 -9.71 21.01
N ASN A 502 22.21 -11.02 21.27
CA ASN A 502 22.28 -11.54 22.62
C ASN A 502 23.43 -12.54 22.74
N PRO A 503 24.24 -12.45 23.81
CA PRO A 503 25.39 -13.37 23.96
C PRO A 503 25.03 -14.76 24.49
N TRP A 504 24.58 -15.62 23.59
CA TRP A 504 24.13 -16.97 23.96
C TRP A 504 25.33 -17.88 24.23
N ASP A 505 25.28 -18.58 25.35
CA ASP A 505 26.27 -19.62 25.66
C ASP A 505 25.83 -20.90 24.94
N CYS A 506 26.59 -21.30 23.92
CA CYS A 506 26.15 -22.36 23.01
C CYS A 506 26.83 -23.70 23.26
N SER A 507 27.44 -23.91 24.41
CA SER A 507 27.92 -25.24 24.75
C SER A 507 26.74 -26.17 24.99
N CYS A 508 26.78 -27.36 24.39
CA CYS A 508 25.77 -28.36 24.71
C CYS A 508 26.01 -28.83 26.15
N PRO A 509 24.95 -29.10 26.93
CA PRO A 509 23.52 -29.14 26.65
C PRO A 509 22.72 -27.86 26.91
N ARG A 510 23.35 -26.75 27.27
CA ARG A 510 22.59 -25.54 27.57
C ARG A 510 21.86 -25.02 26.35
N ILE A 511 22.32 -25.36 25.14
CA ILE A 511 21.76 -24.81 23.91
C ILE A 511 20.94 -25.83 23.13
N ASP A 512 20.67 -27.02 23.70
CA ASP A 512 20.02 -28.04 22.90
C ASP A 512 18.53 -27.82 22.74
N TYR A 513 17.79 -27.68 23.84
CA TYR A 513 16.34 -27.45 23.71
C TYR A 513 16.10 -26.24 22.82
N LEU A 514 16.96 -25.23 22.94
CA LEU A 514 16.85 -24.05 22.10
C LEU A 514 17.21 -24.37 20.66
N SER A 515 18.05 -25.40 20.44
CA SER A 515 18.43 -25.77 19.07
C SER A 515 17.35 -26.59 18.37
N ARG A 516 16.94 -27.72 18.96
CA ARG A 516 15.92 -28.55 18.34
C ARG A 516 14.61 -27.79 18.15
N TRP A 517 14.11 -27.18 19.22
CA TRP A 517 12.83 -26.50 19.16
C TRP A 517 12.83 -25.39 18.12
N LEU A 518 13.94 -24.64 18.04
CA LEU A 518 14.03 -23.57 17.07
C LEU A 518 14.03 -24.10 15.64
N ASN A 519 14.75 -25.20 15.40
CA ASN A 519 14.82 -25.78 14.06
C ASN A 519 13.43 -26.12 13.53
N LYS A 520 12.57 -26.69 14.39
CA LYS A 520 11.23 -27.07 13.97
C LYS A 520 10.44 -25.86 13.49
N ASN A 521 10.32 -24.84 14.34
CA ASN A 521 9.52 -23.64 14.03
C ASN A 521 10.38 -22.66 13.23
N SER A 522 10.52 -22.97 11.95
CA SER A 522 11.45 -22.24 11.09
C SER A 522 11.02 -20.79 10.88
N GLN A 523 9.76 -20.57 10.50
CA GLN A 523 9.30 -19.25 10.08
C GLN A 523 9.15 -18.25 11.21
N LYS A 524 9.13 -18.68 12.48
CA LYS A 524 8.78 -17.75 13.55
C LYS A 524 9.90 -16.77 13.93
N GLU A 525 11.16 -17.17 13.80
CA GLU A 525 12.24 -16.31 14.26
C GLU A 525 12.48 -15.16 13.29
N GLN A 526 12.57 -13.95 13.83
CA GLN A 526 12.88 -12.75 13.07
C GLN A 526 14.36 -12.41 13.29
N GLY A 527 15.11 -12.29 12.21
CA GLY A 527 16.54 -12.12 12.30
C GLY A 527 17.26 -13.42 12.64
N SER A 528 18.53 -13.27 13.00
CA SER A 528 19.40 -14.41 13.26
C SER A 528 20.12 -14.21 14.59
N ALA A 529 19.64 -14.90 15.62
CA ALA A 529 20.39 -15.01 16.86
C ALA A 529 21.64 -15.85 16.64
N LYS A 530 22.79 -15.33 17.06
CA LYS A 530 24.06 -15.99 16.83
C LYS A 530 24.74 -16.29 18.15
N CYS A 531 25.53 -17.36 18.15
CA CYS A 531 26.21 -17.82 19.34
C CYS A 531 27.26 -16.80 19.80
N SER A 532 27.45 -16.73 21.12
CA SER A 532 28.47 -15.87 21.69
C SER A 532 29.83 -16.50 21.41
N GLY A 533 30.64 -15.84 20.59
CA GLY A 533 31.96 -16.33 20.24
C GLY A 533 32.00 -17.28 19.05
N SER A 534 31.07 -18.23 19.01
CA SER A 534 31.03 -19.17 17.89
C SER A 534 30.39 -18.56 16.65
N GLY A 535 29.51 -17.57 16.82
CA GLY A 535 28.89 -16.89 15.69
C GLY A 535 27.93 -17.72 14.86
N LYS A 536 27.88 -19.04 15.08
CA LYS A 536 27.05 -19.89 14.24
C LYS A 536 25.56 -19.56 14.41
N PRO A 537 24.75 -19.73 13.36
CA PRO A 537 23.30 -19.65 13.56
C PRO A 537 22.90 -20.70 14.59
N VAL A 538 22.13 -20.28 15.59
CA VAL A 538 21.81 -21.16 16.71
C VAL A 538 21.06 -22.41 16.25
N ARG A 539 20.33 -22.31 15.14
CA ARG A 539 19.59 -23.47 14.62
C ARG A 539 20.51 -24.64 14.27
N SER A 540 21.81 -24.40 14.11
CA SER A 540 22.74 -25.37 13.51
C SER A 540 23.57 -26.12 14.56
N ILE A 541 22.97 -26.45 15.70
CA ILE A 541 23.64 -27.18 16.78
C ILE A 541 23.02 -28.56 16.89
N ILE A 542 23.86 -29.59 16.95
CA ILE A 542 23.42 -30.97 17.04
C ILE A 542 23.94 -31.51 18.36
N CYS A 543 23.18 -31.31 19.44
CA CYS A 543 23.61 -31.83 20.73
C CYS A 543 23.25 -33.31 20.81
N GLU B 26 -5.73 -14.98 21.58
CA GLU B 26 -6.83 -14.82 20.62
C GLU B 26 -7.78 -16.01 20.73
N PHE B 27 -8.77 -15.90 21.60
CA PHE B 27 -9.71 -17.01 21.84
C PHE B 27 -10.77 -16.99 20.75
N LEU B 28 -10.61 -17.87 19.77
CA LEU B 28 -11.54 -17.98 18.65
C LEU B 28 -12.55 -19.08 18.93
N VAL B 29 -13.83 -18.74 18.77
CA VAL B 29 -14.91 -19.71 18.89
C VAL B 29 -15.49 -19.85 17.49
N ASP B 30 -15.17 -20.95 16.81
CA ASP B 30 -15.60 -21.15 15.42
C ASP B 30 -16.83 -22.05 15.44
N ARG B 31 -18.00 -21.43 15.41
CA ARG B 31 -19.26 -22.15 15.29
C ARG B 31 -19.89 -21.97 13.92
N SER B 32 -19.08 -21.62 12.92
CA SER B 32 -19.59 -21.49 11.58
C SER B 32 -19.97 -22.86 11.02
N LYS B 33 -21.05 -22.89 10.24
CA LYS B 33 -21.46 -24.12 9.57
C LYS B 33 -21.71 -25.23 10.58
N ASN B 34 -22.48 -24.90 11.63
CA ASN B 34 -22.83 -25.83 12.68
C ASN B 34 -24.33 -25.95 12.90
N GLY B 35 -25.15 -25.42 11.99
CA GLY B 35 -26.59 -25.54 12.15
C GLY B 35 -27.14 -24.86 13.39
N LEU B 36 -26.57 -23.72 13.79
CA LEU B 36 -27.04 -23.04 14.99
C LEU B 36 -28.48 -22.61 14.80
N ILE B 37 -29.23 -22.54 15.91
CA ILE B 37 -30.66 -22.30 15.88
C ILE B 37 -31.06 -20.98 16.53
N HIS B 38 -30.39 -20.59 17.61
CA HIS B 38 -30.71 -19.29 18.21
C HIS B 38 -29.44 -18.44 18.38
N VAL B 39 -28.73 -18.56 19.49
CA VAL B 39 -27.49 -17.81 19.70
C VAL B 39 -26.68 -18.61 20.71
N PRO B 40 -25.45 -19.02 20.40
CA PRO B 40 -24.69 -19.83 21.36
C PRO B 40 -24.54 -19.15 22.72
N LYS B 41 -24.88 -19.91 23.77
CA LYS B 41 -24.66 -19.50 25.14
C LYS B 41 -23.59 -20.38 25.78
N ASP B 42 -23.43 -20.22 27.09
CA ASP B 42 -22.39 -20.90 27.85
C ASP B 42 -21.07 -20.89 27.07
N LEU B 43 -20.66 -19.69 26.67
CA LEU B 43 -19.38 -19.47 26.02
C LEU B 43 -18.44 -18.77 26.99
N SER B 44 -17.18 -19.14 26.96
CA SER B 44 -16.19 -18.49 27.82
C SER B 44 -16.15 -17.00 27.51
N GLN B 45 -16.03 -16.19 28.56
CA GLN B 45 -15.95 -14.75 28.45
C GLN B 45 -14.59 -14.25 28.00
N LYS B 46 -13.69 -15.15 27.67
CA LYS B 46 -12.39 -14.80 27.11
C LYS B 46 -12.44 -14.61 25.60
N THR B 47 -13.62 -14.81 25.00
CA THR B 47 -13.77 -14.82 23.55
C THR B 47 -13.46 -13.45 22.96
N THR B 48 -12.45 -13.40 22.11
CA THR B 48 -12.15 -12.21 21.34
C THR B 48 -12.77 -12.24 19.95
N ILE B 49 -13.01 -13.43 19.40
CA ILE B 49 -13.55 -13.59 18.06
C ILE B 49 -14.65 -14.65 18.10
N LEU B 50 -15.82 -14.32 17.58
CA LEU B 50 -16.97 -15.21 17.57
C LEU B 50 -17.41 -15.40 16.12
N ASN B 51 -17.21 -16.60 15.59
CA ASN B 51 -17.57 -16.92 14.21
C ASN B 51 -18.79 -17.83 14.24
N ILE B 52 -19.95 -17.28 13.90
CA ILE B 52 -21.19 -18.05 13.84
C ILE B 52 -21.77 -17.87 12.44
N SER B 53 -20.89 -17.77 11.44
CA SER B 53 -21.33 -17.65 10.06
C SER B 53 -22.07 -18.90 9.62
N GLN B 54 -22.87 -18.74 8.56
CA GLN B 54 -23.53 -19.84 7.87
C GLN B 54 -24.27 -20.74 8.86
N ASN B 55 -25.28 -20.15 9.50
CA ASN B 55 -26.16 -20.89 10.40
C ASN B 55 -27.57 -20.34 10.22
N TYR B 56 -28.43 -20.55 11.21
CA TYR B 56 -29.84 -20.23 11.11
C TYR B 56 -30.31 -19.25 12.18
N ILE B 57 -29.41 -18.42 12.69
CA ILE B 57 -29.76 -17.47 13.74
C ILE B 57 -30.70 -16.41 13.18
N SER B 58 -31.73 -16.05 13.95
CA SER B 58 -32.76 -15.15 13.48
C SER B 58 -32.94 -13.88 14.31
N GLU B 59 -32.40 -13.81 15.52
CA GLU B 59 -32.59 -12.66 16.39
C GLU B 59 -31.29 -12.31 17.09
N LEU B 60 -31.10 -11.02 17.35
CA LEU B 60 -29.90 -10.53 18.03
C LEU B 60 -30.30 -9.52 19.09
N TRP B 61 -30.23 -9.93 20.36
CA TRP B 61 -30.53 -9.08 21.49
C TRP B 61 -29.24 -8.53 22.09
N THR B 62 -29.38 -7.61 23.05
CA THR B 62 -28.21 -7.09 23.75
C THR B 62 -27.65 -8.12 24.72
N SER B 63 -28.54 -8.91 25.36
CA SER B 63 -28.10 -9.91 26.32
C SER B 63 -27.35 -11.06 25.66
N ASP B 64 -27.50 -11.24 24.35
CA ASP B 64 -26.82 -12.33 23.65
C ASP B 64 -25.31 -12.19 23.71
N ILE B 65 -24.79 -10.96 23.77
CA ILE B 65 -23.36 -10.71 23.63
C ILE B 65 -22.89 -9.85 24.81
N LEU B 66 -23.78 -9.64 25.78
CA LEU B 66 -23.46 -8.76 26.91
C LEU B 66 -22.32 -9.31 27.74
N SER B 67 -22.28 -10.63 27.92
CA SER B 67 -21.28 -11.25 28.78
C SER B 67 -19.92 -11.37 28.13
N LEU B 68 -19.80 -11.04 26.84
CA LEU B 68 -18.55 -11.12 26.11
C LEU B 68 -17.90 -9.73 26.11
N SER B 69 -17.33 -9.36 27.25
CA SER B 69 -16.78 -8.02 27.38
C SER B 69 -15.60 -7.79 26.45
N LYS B 70 -14.86 -8.85 26.15
CA LYS B 70 -13.67 -8.78 25.32
C LYS B 70 -13.95 -9.14 23.86
N LEU B 71 -15.22 -9.20 23.48
CA LEU B 71 -15.58 -9.54 22.11
C LEU B 71 -15.05 -8.46 21.17
N ARG B 72 -14.20 -8.86 20.22
CA ARG B 72 -13.61 -7.92 19.30
C ARG B 72 -14.10 -8.09 17.86
N ILE B 73 -14.37 -9.32 17.45
CA ILE B 73 -14.83 -9.63 16.10
C ILE B 73 -16.07 -10.50 16.20
N LEU B 74 -17.14 -10.10 15.52
CA LEU B 74 -18.41 -10.84 15.53
C LEU B 74 -18.85 -11.08 14.09
N ILE B 75 -18.98 -12.36 13.73
CA ILE B 75 -19.32 -12.78 12.38
C ILE B 75 -20.63 -13.55 12.45
N ILE B 76 -21.72 -12.93 11.98
CA ILE B 76 -23.02 -13.56 11.99
C ILE B 76 -23.58 -13.58 10.58
N SER B 77 -22.69 -13.63 9.58
CA SER B 77 -23.12 -13.66 8.20
C SER B 77 -23.87 -14.94 7.89
N HIS B 78 -24.60 -14.93 6.77
CA HIS B 78 -25.34 -16.10 6.31
C HIS B 78 -26.23 -16.67 7.41
N ASN B 79 -27.04 -15.78 7.99
CA ASN B 79 -28.08 -16.18 8.94
C ASN B 79 -29.39 -15.58 8.44
N ARG B 80 -30.36 -15.39 9.34
CA ARG B 80 -31.71 -15.00 8.94
C ARG B 80 -32.27 -13.97 9.91
N ILE B 81 -31.51 -12.93 10.19
CA ILE B 81 -31.94 -11.85 11.07
C ILE B 81 -32.69 -10.81 10.25
N GLN B 82 -33.84 -10.34 10.77
CA GLN B 82 -34.66 -9.37 10.08
C GLN B 82 -34.63 -7.97 10.69
N TYR B 83 -34.36 -7.85 11.98
CA TYR B 83 -34.35 -6.57 12.66
C TYR B 83 -33.02 -6.39 13.39
N LEU B 84 -32.42 -5.21 13.27
CA LEU B 84 -31.15 -4.90 13.92
C LEU B 84 -31.27 -3.60 14.70
N ASP B 85 -31.33 -3.69 16.02
CA ASP B 85 -31.11 -2.54 16.89
C ASP B 85 -29.60 -2.40 17.13
N ILE B 86 -29.03 -1.27 16.70
CA ILE B 86 -27.58 -1.15 16.70
C ILE B 86 -26.98 -0.84 18.07
N SER B 87 -27.80 -0.50 19.06
CA SER B 87 -27.28 -0.32 20.42
C SER B 87 -27.02 -1.66 21.11
N VAL B 88 -27.20 -2.77 20.39
CA VAL B 88 -26.99 -4.09 20.95
C VAL B 88 -25.53 -4.35 21.27
N PHE B 89 -24.62 -3.62 20.62
CA PHE B 89 -23.19 -3.73 20.91
C PHE B 89 -22.72 -2.60 21.82
N LYS B 90 -23.64 -1.98 22.55
CA LYS B 90 -23.28 -0.85 23.40
C LYS B 90 -22.28 -1.21 24.49
N PHE B 91 -22.34 -2.45 24.98
CA PHE B 91 -21.49 -2.88 26.08
C PHE B 91 -20.28 -3.69 25.64
N ASN B 92 -20.13 -3.94 24.33
CA ASN B 92 -18.94 -4.61 23.81
C ASN B 92 -17.97 -3.51 23.38
N GLN B 93 -17.31 -2.93 24.38
CA GLN B 93 -16.45 -1.77 24.15
C GLN B 93 -15.22 -2.09 23.31
N GLU B 94 -14.89 -3.38 23.14
CA GLU B 94 -13.76 -3.79 22.33
CA GLU B 94 -13.76 -3.77 22.32
C GLU B 94 -14.18 -4.24 20.93
N LEU B 95 -15.46 -4.11 20.58
CA LEU B 95 -15.93 -4.53 19.28
C LEU B 95 -15.45 -3.57 18.20
N GLU B 96 -14.85 -4.12 17.14
CA GLU B 96 -14.44 -3.35 15.99
C GLU B 96 -14.90 -3.94 14.66
N TYR B 97 -15.44 -5.15 14.63
CA TYR B 97 -15.76 -5.85 13.40
C TYR B 97 -17.11 -6.54 13.55
N LEU B 98 -18.09 -6.11 12.75
CA LEU B 98 -19.41 -6.72 12.75
C LEU B 98 -19.81 -7.03 11.31
N ASP B 99 -20.18 -8.28 11.07
CA ASP B 99 -20.58 -8.76 9.76
C ASP B 99 -21.96 -9.38 9.86
N LEU B 100 -22.96 -8.72 9.29
CA LEU B 100 -24.33 -9.24 9.23
C LEU B 100 -24.79 -9.39 7.79
N SER B 101 -23.85 -9.61 6.88
CA SER B 101 -24.17 -9.76 5.47
C SER B 101 -24.85 -11.11 5.22
N HIS B 102 -25.58 -11.17 4.11
CA HIS B 102 -26.33 -12.38 3.74
C HIS B 102 -27.30 -12.78 4.83
N ASN B 103 -28.05 -11.79 5.33
CA ASN B 103 -29.17 -12.02 6.23
C ASN B 103 -30.44 -11.52 5.56
N LYS B 104 -31.48 -11.24 6.34
CA LYS B 104 -32.74 -10.74 5.81
C LYS B 104 -33.14 -9.41 6.45
N LEU B 105 -32.15 -8.60 6.78
CA LEU B 105 -32.40 -7.33 7.47
C LEU B 105 -33.31 -6.44 6.63
N VAL B 106 -34.47 -6.11 7.18
CA VAL B 106 -35.38 -5.14 6.55
C VAL B 106 -35.52 -3.87 7.36
N LYS B 107 -35.06 -3.84 8.61
CA LYS B 107 -35.19 -2.68 9.47
C LYS B 107 -33.94 -2.53 10.34
N ILE B 108 -33.57 -1.28 10.60
CA ILE B 108 -32.42 -0.96 11.44
C ILE B 108 -32.74 0.27 12.28
N SER B 109 -32.53 0.17 13.59
CA SER B 109 -32.78 1.26 14.53
C SER B 109 -31.48 1.92 14.94
N CYS B 110 -31.46 3.25 14.92
CA CYS B 110 -30.26 4.05 15.16
C CYS B 110 -30.23 4.50 16.62
N HIS B 111 -29.14 4.16 17.31
CA HIS B 111 -28.97 4.49 18.72
C HIS B 111 -27.48 4.63 19.01
N PRO B 112 -27.10 5.27 20.11
CA PRO B 112 -25.68 5.31 20.48
C PRO B 112 -25.13 3.91 20.71
N THR B 113 -23.89 3.70 20.29
CA THR B 113 -23.26 2.39 20.42
C THR B 113 -21.75 2.54 20.28
N VAL B 114 -21.05 1.42 20.03
CA VAL B 114 -19.60 1.39 19.96
C VAL B 114 -19.16 1.73 18.54
N ASN B 115 -17.99 2.35 18.45
CA ASN B 115 -17.41 2.75 17.17
C ASN B 115 -16.75 1.54 16.52
N LEU B 116 -17.29 1.10 15.38
CA LEU B 116 -16.74 -0.03 14.65
C LEU B 116 -15.74 0.43 13.60
N LYS B 117 -14.80 -0.46 13.27
CA LYS B 117 -13.93 -0.27 12.13
C LYS B 117 -14.46 -0.95 10.87
N HIS B 118 -15.39 -1.88 11.03
CA HIS B 118 -15.87 -2.71 9.92
C HIS B 118 -17.32 -3.07 10.19
N LEU B 119 -18.21 -2.64 9.32
CA LEU B 119 -19.65 -2.94 9.44
C LEU B 119 -20.15 -3.39 8.09
N ASP B 120 -20.63 -4.63 8.01
CA ASP B 120 -21.07 -5.23 6.75
C ASP B 120 -22.56 -5.53 6.84
N LEU B 121 -23.37 -4.72 6.16
CA LEU B 121 -24.80 -4.95 6.02
C LEU B 121 -25.18 -5.29 4.59
N SER B 122 -24.21 -5.68 3.77
CA SER B 122 -24.46 -5.99 2.37
C SER B 122 -25.24 -7.30 2.24
N PHE B 123 -25.91 -7.44 1.10
CA PHE B 123 -26.73 -8.62 0.79
C PHE B 123 -27.80 -8.81 1.86
N ASN B 124 -28.57 -7.75 2.10
CA ASN B 124 -29.77 -7.78 2.93
C ASN B 124 -30.91 -7.17 2.14
N ALA B 125 -32.08 -7.08 2.77
CA ALA B 125 -33.32 -6.73 2.08
C ALA B 125 -33.81 -5.32 2.43
N PHE B 126 -32.89 -4.42 2.76
CA PHE B 126 -33.28 -3.05 3.05
C PHE B 126 -33.91 -2.40 1.83
N ASP B 127 -34.95 -1.59 2.05
CA ASP B 127 -35.56 -0.81 0.98
C ASP B 127 -34.92 0.55 0.81
N ALA B 128 -34.43 1.14 1.89
CA ALA B 128 -33.65 2.37 1.86
C ALA B 128 -32.26 2.09 2.41
N LEU B 129 -31.35 3.03 2.19
CA LEU B 129 -29.95 2.84 2.59
C LEU B 129 -29.85 2.83 4.11
N PRO B 130 -29.50 1.70 4.74
CA PRO B 130 -29.48 1.66 6.21
C PRO B 130 -28.31 2.43 6.80
N ILE B 131 -28.39 3.77 6.77
CA ILE B 131 -27.33 4.63 7.27
C ILE B 131 -27.85 5.37 8.49
N CYS B 132 -27.20 5.17 9.63
CA CYS B 132 -27.56 5.82 10.88
C CYS B 132 -26.71 7.07 11.11
N LYS B 133 -27.32 8.04 11.79
CA LYS B 133 -26.60 9.26 12.14
C LYS B 133 -25.38 8.94 13.00
N GLU B 134 -25.48 7.93 13.87
CA GLU B 134 -24.35 7.53 14.69
C GLU B 134 -23.17 7.06 13.86
N PHE B 135 -23.41 6.61 12.63
CA PHE B 135 -22.30 6.18 11.78
C PHE B 135 -21.30 7.31 11.52
N GLY B 136 -21.72 8.56 11.68
CA GLY B 136 -20.83 9.68 11.42
C GLY B 136 -19.69 9.79 12.40
N ASN B 137 -19.90 9.37 13.64
CA ASN B 137 -18.89 9.50 14.69
C ASN B 137 -17.87 8.37 14.68
N MET B 138 -18.00 7.38 13.80
CA MET B 138 -17.06 6.26 13.75
C MET B 138 -15.87 6.65 12.88
N SER B 139 -14.94 7.40 13.48
CA SER B 139 -13.79 7.91 12.75
C SER B 139 -12.86 6.82 12.28
N GLN B 140 -12.96 5.60 12.82
CA GLN B 140 -12.08 4.50 12.43
C GLN B 140 -12.74 3.53 11.45
N LEU B 141 -13.99 3.81 11.05
CA LEU B 141 -14.70 2.97 10.10
C LEU B 141 -14.00 2.94 8.75
N LYS B 142 -13.50 1.77 8.34
CA LYS B 142 -12.82 1.66 7.05
C LYS B 142 -13.56 0.77 6.05
N PHE B 143 -14.55 -0.01 6.50
CA PHE B 143 -15.35 -0.81 5.58
C PHE B 143 -16.81 -0.67 5.95
N LEU B 144 -17.64 -0.32 4.96
CA LEU B 144 -19.08 -0.20 5.14
C LEU B 144 -19.76 -0.96 4.00
N GLY B 145 -20.49 -2.01 4.34
CA GLY B 145 -21.26 -2.78 3.39
C GLY B 145 -22.75 -2.48 3.53
N LEU B 146 -23.37 -2.15 2.41
CA LEU B 146 -24.76 -1.70 2.42
C LEU B 146 -25.57 -2.47 1.38
N SER B 147 -26.87 -2.56 1.63
CA SER B 147 -27.83 -3.17 0.72
C SER B 147 -29.00 -2.24 0.57
N THR B 148 -29.61 -2.23 -0.62
CA THR B 148 -30.70 -1.29 -0.86
C THR B 148 -31.41 -1.64 -2.15
N THR B 149 -32.67 -1.21 -2.24
CA THR B 149 -33.43 -1.20 -3.47
C THR B 149 -33.75 0.22 -3.95
N HIS B 150 -33.67 1.21 -3.07
CA HIS B 150 -33.93 2.60 -3.42
CA HIS B 150 -33.94 2.61 -3.42
C HIS B 150 -32.85 3.47 -2.80
N LEU B 151 -32.10 4.17 -3.64
CA LEU B 151 -30.98 5.00 -3.20
C LEU B 151 -31.30 6.47 -3.46
N GLU B 152 -31.45 7.23 -2.38
CA GLU B 152 -31.60 8.67 -2.44
C GLU B 152 -30.26 9.34 -2.14
N LYS B 153 -29.87 10.30 -2.97
CA LYS B 153 -28.58 10.97 -2.81
C LYS B 153 -28.39 11.50 -1.40
N SER B 154 -29.46 12.01 -0.78
CA SER B 154 -29.33 12.69 0.50
C SER B 154 -29.10 11.72 1.66
N SER B 155 -29.45 10.44 1.49
CA SER B 155 -29.30 9.49 2.58
C SER B 155 -27.84 9.19 2.90
N VAL B 156 -26.92 9.51 1.99
CA VAL B 156 -25.49 9.31 2.26
C VAL B 156 -24.90 10.44 3.09
N LEU B 157 -25.68 11.49 3.37
CA LEU B 157 -25.11 12.68 3.99
C LEU B 157 -24.48 12.43 5.37
N PRO B 158 -25.08 11.63 6.26
CA PRO B 158 -24.46 11.47 7.58
C PRO B 158 -23.02 10.99 7.53
N ILE B 159 -22.63 10.23 6.51
CA ILE B 159 -21.28 9.69 6.40
C ILE B 159 -20.44 10.41 5.37
N ALA B 160 -20.94 11.46 4.74
CA ALA B 160 -20.19 12.14 3.71
C ALA B 160 -18.96 12.85 4.26
N HIS B 161 -18.81 12.94 5.58
CA HIS B 161 -17.62 13.52 6.18
C HIS B 161 -16.61 12.47 6.61
N LEU B 162 -16.95 11.19 6.57
CA LEU B 162 -16.01 10.13 6.91
C LEU B 162 -15.21 9.73 5.68
N ASN B 163 -13.92 9.44 5.90
CA ASN B 163 -13.02 8.99 4.85
C ASN B 163 -12.94 7.46 4.92
N ILE B 164 -14.00 6.81 4.44
CA ILE B 164 -14.07 5.36 4.48
C ILE B 164 -13.12 4.79 3.43
N SER B 165 -12.50 3.65 3.73
CA SER B 165 -11.54 3.07 2.81
C SER B 165 -12.23 2.30 1.68
N LYS B 166 -13.27 1.53 2.02
CA LYS B 166 -14.01 0.76 1.04
C LYS B 166 -15.48 0.74 1.40
N VAL B 167 -16.33 0.93 0.39
CA VAL B 167 -17.78 0.82 0.55
C VAL B 167 -18.28 -0.23 -0.43
N LEU B 168 -19.05 -1.19 0.08
CA LEU B 168 -19.75 -2.17 -0.73
C LEU B 168 -21.25 -1.84 -0.72
N LEU B 169 -21.80 -1.66 -1.91
CA LEU B 169 -23.22 -1.37 -2.08
C LEU B 169 -23.84 -2.42 -2.98
N VAL B 170 -24.75 -3.20 -2.43
CA VAL B 170 -25.45 -4.26 -3.17
C VAL B 170 -26.85 -3.74 -3.49
N LEU B 171 -27.13 -3.55 -4.77
CA LEU B 171 -28.44 -3.10 -5.22
C LEU B 171 -29.38 -4.29 -5.36
N GLY B 172 -30.47 -4.29 -4.61
CA GLY B 172 -31.41 -5.39 -4.63
C GLY B 172 -32.04 -5.58 -6.00
N GLU B 173 -32.66 -6.74 -6.17
CA GLU B 173 -33.22 -7.10 -7.48
C GLU B 173 -34.26 -6.10 -7.95
N THR B 174 -35.08 -5.58 -7.02
CA THR B 174 -36.12 -4.64 -7.39
C THR B 174 -35.60 -3.21 -7.56
N TYR B 175 -34.29 -3.00 -7.48
CA TYR B 175 -33.74 -1.69 -7.77
C TYR B 175 -33.87 -1.38 -9.26
N GLY B 176 -34.20 -0.12 -9.57
CA GLY B 176 -34.32 0.30 -10.95
C GLY B 176 -35.36 1.38 -11.16
N GLU B 177 -36.49 1.25 -10.47
CA GLU B 177 -37.57 2.21 -10.59
C GLU B 177 -37.25 3.46 -9.79
N LYS B 178 -37.54 4.63 -10.35
CA LYS B 178 -37.30 5.89 -9.67
C LYS B 178 -35.82 6.03 -9.30
N GLU B 179 -34.98 5.92 -10.32
CA GLU B 179 -33.54 6.01 -10.11
C GLU B 179 -33.11 7.47 -9.94
N ASP B 180 -32.26 7.71 -8.94
CA ASP B 180 -31.61 9.00 -8.78
C ASP B 180 -30.22 8.90 -9.40
N PRO B 181 -29.92 9.64 -10.47
CA PRO B 181 -28.58 9.50 -11.08
C PRO B 181 -27.45 9.96 -10.19
N GLU B 182 -27.70 10.85 -9.24
CA GLU B 182 -26.67 11.36 -8.34
C GLU B 182 -26.60 10.59 -7.03
N GLY B 183 -27.19 9.39 -6.97
CA GLY B 183 -27.33 8.69 -5.70
C GLY B 183 -26.02 8.40 -4.99
N LEU B 184 -24.93 8.25 -5.75
CA LEU B 184 -23.64 7.86 -5.17
C LEU B 184 -22.69 9.03 -4.97
N GLN B 185 -23.04 10.23 -5.41
CA GLN B 185 -22.08 11.31 -5.50
C GLN B 185 -21.57 11.78 -4.14
N ASP B 186 -22.27 11.48 -3.06
CA ASP B 186 -21.85 11.94 -1.73
C ASP B 186 -20.95 10.94 -1.00
N PHE B 187 -20.86 9.70 -1.47
CA PHE B 187 -19.94 8.75 -0.85
C PHE B 187 -18.51 9.30 -0.86
N ASN B 188 -17.89 9.37 0.31
CA ASN B 188 -16.50 9.78 0.44
C ASN B 188 -15.70 8.52 0.77
N THR B 189 -15.26 7.83 -0.27
CA THR B 189 -14.54 6.56 -0.13
C THR B 189 -13.55 6.42 -1.27
N GLU B 190 -12.38 5.85 -0.97
CA GLU B 190 -11.37 5.66 -2.01
C GLU B 190 -11.69 4.46 -2.90
N SER B 191 -12.38 3.45 -2.37
CA SER B 191 -12.73 2.25 -3.13
C SER B 191 -14.23 2.03 -3.01
N LEU B 192 -14.88 1.81 -4.15
CA LEU B 192 -16.32 1.59 -4.20
C LEU B 192 -16.61 0.38 -5.08
N HIS B 193 -17.45 -0.53 -4.59
CA HIS B 193 -17.83 -1.74 -5.32
C HIS B 193 -19.36 -1.80 -5.40
N ILE B 194 -19.89 -1.46 -6.56
CA ILE B 194 -21.34 -1.53 -6.80
C ILE B 194 -21.67 -2.92 -7.33
N VAL B 195 -22.62 -3.59 -6.68
CA VAL B 195 -23.13 -4.89 -7.12
C VAL B 195 -24.54 -4.65 -7.65
N PHE B 196 -24.68 -4.66 -8.98
CA PHE B 196 -25.96 -4.41 -9.62
C PHE B 196 -26.86 -5.64 -9.55
N PRO B 197 -28.16 -5.48 -9.80
CA PRO B 197 -29.07 -6.63 -9.77
C PRO B 197 -28.63 -7.71 -10.74
N THR B 198 -28.90 -8.95 -10.37
CA THR B 198 -28.50 -10.11 -11.16
C THR B 198 -29.60 -10.57 -12.08
N ASN B 199 -29.20 -11.10 -13.25
CA ASN B 199 -30.10 -11.74 -14.18
C ASN B 199 -31.14 -10.75 -14.71
N LYS B 200 -30.73 -9.49 -14.83
CA LYS B 200 -31.56 -8.40 -15.32
C LYS B 200 -30.75 -7.60 -16.31
N GLU B 201 -31.36 -7.24 -17.44
CA GLU B 201 -30.70 -6.38 -18.40
C GLU B 201 -30.33 -5.05 -17.76
N PHE B 202 -29.17 -4.52 -18.14
CA PHE B 202 -28.67 -3.29 -17.56
C PHE B 202 -29.42 -2.12 -18.20
N HIS B 203 -30.25 -1.46 -17.40
CA HIS B 203 -31.05 -0.31 -17.82
C HIS B 203 -30.92 0.82 -16.81
N PHE B 204 -29.73 0.97 -16.22
CA PHE B 204 -29.52 1.87 -15.09
C PHE B 204 -28.76 3.11 -15.51
N ILE B 205 -29.18 4.25 -14.95
CA ILE B 205 -28.59 5.55 -15.23
C ILE B 205 -27.73 6.05 -14.08
N LEU B 206 -27.64 5.29 -12.99
CA LEU B 206 -26.88 5.68 -11.82
C LEU B 206 -25.43 6.03 -12.16
N ASP B 207 -25.07 7.29 -11.98
CA ASP B 207 -23.71 7.75 -12.22
C ASP B 207 -22.74 7.07 -11.27
N VAL B 208 -21.84 6.23 -11.80
CA VAL B 208 -20.85 5.56 -10.98
C VAL B 208 -19.55 6.35 -10.88
N SER B 209 -19.44 7.49 -11.55
CA SER B 209 -18.27 8.35 -11.42
C SER B 209 -18.42 9.21 -10.18
N VAL B 210 -17.63 8.91 -9.15
CA VAL B 210 -17.70 9.62 -7.87
C VAL B 210 -16.37 10.32 -7.62
N LYS B 211 -16.46 11.54 -7.11
CA LYS B 211 -15.29 12.42 -6.99
C LYS B 211 -14.09 11.71 -6.37
N THR B 212 -14.29 11.03 -5.25
CA THR B 212 -13.16 10.60 -4.43
C THR B 212 -12.71 9.17 -4.72
N VAL B 213 -13.38 8.47 -5.62
CA VAL B 213 -13.09 7.06 -5.84
C VAL B 213 -11.85 6.92 -6.73
N ALA B 214 -10.89 6.13 -6.26
CA ALA B 214 -9.73 5.75 -7.07
C ALA B 214 -9.87 4.33 -7.61
N ASN B 215 -10.59 3.47 -6.90
CA ASN B 215 -10.78 2.07 -7.29
C ASN B 215 -12.27 1.79 -7.38
N LEU B 216 -12.78 1.65 -8.60
CA LEU B 216 -14.18 1.35 -8.85
C LEU B 216 -14.31 -0.08 -9.34
N GLU B 217 -15.30 -0.79 -8.81
CA GLU B 217 -15.57 -2.17 -9.21
C GLU B 217 -17.06 -2.31 -9.44
N LEU B 218 -17.44 -2.93 -10.57
CA LEU B 218 -18.84 -3.09 -10.94
C LEU B 218 -19.11 -4.56 -11.24
N SER B 219 -20.15 -5.11 -10.62
CA SER B 219 -20.50 -6.51 -10.75
C SER B 219 -21.91 -6.66 -11.30
N ASN B 220 -22.11 -7.71 -12.09
CA ASN B 220 -23.43 -8.06 -12.63
C ASN B 220 -23.83 -7.07 -13.72
N ILE B 221 -23.24 -7.22 -14.90
CA ILE B 221 -23.56 -6.42 -16.07
C ILE B 221 -24.07 -7.38 -17.15
N LYS B 222 -25.33 -7.21 -17.54
CA LYS B 222 -25.96 -8.07 -18.52
C LYS B 222 -26.64 -7.21 -19.58
N CYS B 223 -26.20 -7.35 -20.82
CA CYS B 223 -26.83 -6.65 -21.94
C CYS B 223 -26.66 -7.51 -23.19
N VAL B 224 -27.59 -8.46 -23.39
CA VAL B 224 -27.56 -9.30 -24.57
C VAL B 224 -28.55 -8.78 -25.60
N LEU B 225 -28.23 -7.61 -26.16
CA LEU B 225 -29.01 -6.91 -27.18
C LEU B 225 -30.53 -7.04 -27.05
N GLU B 226 -31.07 -7.01 -25.83
CA GLU B 226 -32.51 -7.12 -25.69
C GLU B 226 -33.19 -5.83 -26.13
N ASP B 227 -32.80 -4.69 -25.55
CA ASP B 227 -33.31 -3.41 -26.03
C ASP B 227 -32.35 -2.78 -27.03
N ASN B 228 -31.11 -2.50 -26.62
CA ASN B 228 -30.13 -1.95 -27.55
C ASN B 228 -28.69 -1.97 -27.06
N LYS B 229 -27.85 -2.72 -27.77
CA LYS B 229 -26.42 -2.84 -27.53
C LYS B 229 -25.80 -2.11 -26.34
N CYS B 230 -26.08 -2.59 -25.13
CA CYS B 230 -25.42 -2.09 -23.92
C CYS B 230 -25.35 -0.56 -23.88
N SER B 231 -26.32 0.12 -24.49
CA SER B 231 -26.28 1.58 -24.52
C SER B 231 -26.20 2.15 -23.10
N TYR B 232 -26.97 1.60 -22.17
CA TYR B 232 -26.99 2.12 -20.80
C TYR B 232 -25.64 1.94 -20.11
N PHE B 233 -25.06 0.74 -20.18
CA PHE B 233 -23.80 0.51 -19.49
C PHE B 233 -22.69 1.36 -20.09
N LEU B 234 -22.61 1.42 -21.43
CA LEU B 234 -21.62 2.28 -22.06
C LEU B 234 -21.82 3.74 -21.65
N SER B 235 -23.06 4.15 -21.40
CA SER B 235 -23.33 5.54 -21.02
C SER B 235 -22.66 5.88 -19.68
N ILE B 236 -22.84 5.02 -18.67
CA ILE B 236 -22.28 5.35 -17.37
C ILE B 236 -20.76 5.28 -17.39
N LEU B 237 -20.19 4.39 -18.22
CA LEU B 237 -18.75 4.30 -18.32
C LEU B 237 -18.13 5.54 -18.95
N ALA B 238 -18.82 6.15 -19.90
CA ALA B 238 -18.28 7.32 -20.59
C ALA B 238 -18.02 8.47 -19.62
N LYS B 239 -18.77 8.54 -18.52
CA LYS B 239 -18.55 9.54 -17.49
C LYS B 239 -17.32 9.26 -16.64
N LEU B 240 -16.63 8.14 -16.86
CA LEU B 240 -15.37 7.86 -16.19
C LEU B 240 -14.17 8.51 -16.87
N GLN B 241 -14.40 9.28 -17.94
CA GLN B 241 -13.33 9.99 -18.62
C GLN B 241 -13.02 11.35 -18.00
N THR B 242 -13.96 11.91 -17.23
CA THR B 242 -13.87 13.28 -16.75
C THR B 242 -13.43 13.39 -15.30
N ASN B 243 -12.79 12.35 -14.75
CA ASN B 243 -12.28 12.42 -13.38
C ASN B 243 -10.91 11.75 -13.30
N PRO B 244 -9.82 12.51 -13.09
CA PRO B 244 -8.50 11.87 -13.01
C PRO B 244 -8.29 11.04 -11.76
N LYS B 245 -9.19 11.14 -10.76
CA LYS B 245 -9.03 10.36 -9.55
C LYS B 245 -9.23 8.87 -9.82
N LEU B 246 -10.07 8.53 -10.78
CA LEU B 246 -10.29 7.12 -11.10
C LEU B 246 -9.00 6.51 -11.62
N SER B 247 -8.47 5.52 -10.92
CA SER B 247 -7.19 4.91 -11.23
C SER B 247 -7.31 3.42 -11.54
N ASN B 248 -8.27 2.73 -10.94
CA ASN B 248 -8.43 1.29 -11.06
C ASN B 248 -9.88 0.98 -11.34
N LEU B 249 -10.14 0.15 -12.35
CA LEU B 249 -11.49 -0.23 -12.74
C LEU B 249 -11.59 -1.73 -12.86
N THR B 250 -12.63 -2.31 -12.26
CA THR B 250 -12.86 -3.74 -12.28
C THR B 250 -14.30 -4.02 -12.71
N LEU B 251 -14.47 -5.02 -13.58
CA LEU B 251 -15.78 -5.45 -14.04
C LEU B 251 -15.89 -6.95 -13.86
N ASN B 252 -16.99 -7.38 -13.23
CA ASN B 252 -17.21 -8.78 -12.87
C ASN B 252 -18.54 -9.26 -13.43
N ASN B 253 -18.59 -10.54 -13.76
CA ASN B 253 -19.84 -11.19 -14.16
C ASN B 253 -20.54 -10.37 -15.25
N ILE B 254 -19.95 -10.42 -16.43
CA ILE B 254 -20.41 -9.67 -17.60
C ILE B 254 -20.98 -10.67 -18.61
N GLU B 255 -22.16 -10.36 -19.13
CA GLU B 255 -22.78 -11.17 -20.18
C GLU B 255 -23.27 -10.23 -21.27
N THR B 256 -22.70 -10.36 -22.47
CA THR B 256 -23.03 -9.47 -23.57
C THR B 256 -22.48 -10.09 -24.85
N THR B 257 -22.64 -9.37 -25.96
CA THR B 257 -22.13 -9.80 -27.24
C THR B 257 -20.63 -9.52 -27.35
N TRP B 258 -20.01 -10.14 -28.37
CA TRP B 258 -18.61 -9.85 -28.64
C TRP B 258 -18.42 -8.41 -29.09
N ASN B 259 -19.38 -7.89 -29.87
CA ASN B 259 -19.34 -6.50 -30.31
C ASN B 259 -19.34 -5.55 -29.12
N SER B 260 -20.32 -5.70 -28.23
CA SER B 260 -20.43 -4.81 -27.09
C SER B 260 -19.24 -4.96 -26.15
N PHE B 261 -18.69 -6.17 -26.04
CA PHE B 261 -17.50 -6.37 -25.23
C PHE B 261 -16.36 -5.50 -25.75
N ILE B 262 -16.14 -5.51 -27.06
CA ILE B 262 -15.09 -4.67 -27.63
C ILE B 262 -15.44 -3.20 -27.47
N ARG B 263 -16.74 -2.86 -27.48
CA ARG B 263 -17.13 -1.49 -27.20
C ARG B 263 -16.71 -1.07 -25.80
N ILE B 264 -16.78 -1.98 -24.84
CA ILE B 264 -16.38 -1.66 -23.47
C ILE B 264 -14.88 -1.43 -23.40
N LEU B 265 -14.09 -2.32 -24.00
CA LEU B 265 -12.64 -2.10 -24.08
C LEU B 265 -12.33 -0.78 -24.76
N GLN B 266 -13.00 -0.50 -25.89
CA GLN B 266 -12.71 0.69 -26.65
C GLN B 266 -13.01 1.96 -25.85
N LEU B 267 -14.14 1.98 -25.16
CA LEU B 267 -14.50 3.15 -24.38
C LEU B 267 -13.54 3.34 -23.22
N VAL B 268 -13.32 2.29 -22.42
CA VAL B 268 -12.43 2.41 -21.26
C VAL B 268 -11.01 2.72 -21.69
N TRP B 269 -10.64 2.36 -22.92
CA TRP B 269 -9.31 2.70 -23.42
C TRP B 269 -9.06 4.19 -23.33
N HIS B 270 -10.11 5.00 -23.50
CA HIS B 270 -9.99 6.45 -23.47
C HIS B 270 -10.22 7.05 -22.09
N THR B 271 -10.54 6.23 -21.09
CA THR B 271 -10.82 6.75 -19.75
C THR B 271 -9.50 7.16 -19.09
N THR B 272 -9.57 7.42 -17.79
CA THR B 272 -8.39 7.80 -17.02
C THR B 272 -7.67 6.63 -16.37
N VAL B 273 -8.26 5.42 -16.42
CA VAL B 273 -7.77 4.33 -15.59
C VAL B 273 -6.38 3.89 -16.04
N TRP B 274 -5.58 3.48 -15.07
CA TRP B 274 -4.29 2.84 -15.32
C TRP B 274 -4.36 1.33 -15.28
N TYR B 275 -5.23 0.78 -14.44
CA TYR B 275 -5.36 -0.66 -14.25
C TYR B 275 -6.80 -1.03 -14.54
N PHE B 276 -7.00 -1.98 -15.46
CA PHE B 276 -8.33 -2.37 -15.92
C PHE B 276 -8.43 -3.88 -15.85
N SER B 277 -9.43 -4.38 -15.10
CA SER B 277 -9.59 -5.81 -14.90
C SER B 277 -11.02 -6.24 -15.22
N ILE B 278 -11.13 -7.37 -15.91
CA ILE B 278 -12.41 -7.94 -16.30
C ILE B 278 -12.32 -9.44 -16.03
N SER B 279 -13.24 -9.97 -15.25
CA SER B 279 -13.22 -11.40 -14.95
C SER B 279 -14.64 -11.94 -15.00
N ASN B 280 -14.74 -13.23 -15.34
CA ASN B 280 -16.03 -13.91 -15.45
C ASN B 280 -16.89 -13.24 -16.51
N VAL B 281 -16.63 -13.55 -17.77
CA VAL B 281 -17.31 -12.95 -18.91
C VAL B 281 -17.97 -14.04 -19.73
N LYS B 282 -19.21 -13.78 -20.18
CA LYS B 282 -19.95 -14.69 -21.05
C LYS B 282 -20.29 -13.93 -22.32
N LEU B 283 -19.65 -14.30 -23.43
CA LEU B 283 -19.79 -13.58 -24.68
C LEU B 283 -20.51 -14.44 -25.72
N GLN B 284 -21.27 -13.77 -26.59
CA GLN B 284 -22.03 -14.44 -27.64
C GLN B 284 -21.98 -13.60 -28.90
N GLY B 285 -22.37 -14.21 -30.03
CA GLY B 285 -22.41 -13.51 -31.29
C GLY B 285 -21.09 -13.57 -32.06
N GLN B 286 -21.14 -13.02 -33.28
CA GLN B 286 -19.99 -12.93 -34.17
C GLN B 286 -19.38 -11.55 -34.08
N LEU B 287 -18.05 -11.47 -33.98
CA LEU B 287 -17.34 -10.21 -33.85
C LEU B 287 -17.14 -9.56 -35.21
N ASP B 288 -17.66 -8.33 -35.37
CA ASP B 288 -17.51 -7.58 -36.61
C ASP B 288 -16.44 -6.49 -36.56
N PHE B 289 -16.44 -5.69 -35.49
CA PHE B 289 -15.48 -4.62 -35.26
C PHE B 289 -14.04 -5.11 -35.34
N ARG B 290 -13.27 -4.51 -36.26
CA ARG B 290 -11.83 -4.69 -36.37
C ARG B 290 -11.05 -3.40 -36.21
N ASP B 291 -11.69 -2.25 -36.41
CA ASP B 291 -11.01 -0.95 -36.44
C ASP B 291 -10.89 -0.30 -35.06
N PHE B 292 -10.08 -0.92 -34.21
CA PHE B 292 -9.90 -0.47 -32.84
C PHE B 292 -9.01 0.77 -32.78
N ASP B 293 -9.41 1.74 -31.95
CA ASP B 293 -8.66 2.98 -31.77
C ASP B 293 -7.90 2.91 -30.44
N TYR B 294 -6.58 2.81 -30.52
CA TYR B 294 -5.73 2.66 -29.34
C TYR B 294 -5.28 3.98 -28.74
N SER B 295 -5.63 5.11 -29.34
CA SER B 295 -5.04 6.39 -28.96
C SER B 295 -5.66 6.94 -27.67
N GLY B 296 -4.89 7.80 -27.01
CA GLY B 296 -5.37 8.54 -25.86
C GLY B 296 -5.58 7.73 -24.61
N THR B 297 -4.82 6.66 -24.42
CA THR B 297 -4.96 5.82 -23.24
C THR B 297 -3.89 6.16 -22.20
N SER B 298 -4.24 5.95 -20.94
CA SER B 298 -3.29 5.98 -19.83
C SER B 298 -3.08 4.59 -19.26
N LEU B 299 -3.59 3.56 -19.94
CA LEU B 299 -3.57 2.21 -19.38
C LEU B 299 -2.14 1.73 -19.19
N LYS B 300 -1.87 1.21 -17.99
CA LYS B 300 -0.62 0.52 -17.69
C LYS B 300 -0.78 -1.00 -17.71
N ALA B 301 -1.93 -1.50 -17.25
CA ALA B 301 -2.14 -2.94 -17.18
C ALA B 301 -3.60 -3.26 -17.46
N LEU B 302 -3.83 -4.36 -18.19
CA LEU B 302 -5.15 -4.89 -18.48
C LEU B 302 -5.10 -6.39 -18.28
N SER B 303 -6.05 -6.93 -17.51
CA SER B 303 -6.13 -8.37 -17.29
C SER B 303 -7.56 -8.85 -17.55
N ILE B 304 -7.66 -10.00 -18.21
CA ILE B 304 -8.92 -10.62 -18.57
C ILE B 304 -8.87 -12.08 -18.14
N HIS B 305 -9.68 -12.44 -17.15
CA HIS B 305 -9.71 -13.81 -16.64
C HIS B 305 -11.08 -14.43 -16.89
N GLN B 306 -11.08 -15.66 -17.39
CA GLN B 306 -12.30 -16.46 -17.52
C GLN B 306 -13.32 -15.83 -18.47
N VAL B 307 -13.17 -16.10 -19.76
CA VAL B 307 -14.13 -15.71 -20.78
C VAL B 307 -14.75 -16.99 -21.35
N VAL B 308 -16.07 -17.03 -21.45
CA VAL B 308 -16.76 -18.20 -21.96
C VAL B 308 -17.60 -17.83 -23.18
N SER B 309 -17.41 -18.57 -24.27
CA SER B 309 -18.21 -18.40 -25.47
C SER B 309 -18.78 -19.74 -25.91
N ASP B 310 -20.09 -19.80 -26.17
CA ASP B 310 -20.66 -20.98 -26.81
C ASP B 310 -20.86 -20.78 -28.31
N VAL B 311 -21.49 -19.68 -28.70
CA VAL B 311 -21.96 -19.41 -30.05
C VAL B 311 -21.01 -19.83 -31.15
N PHE B 312 -19.70 -19.82 -30.87
CA PHE B 312 -18.68 -20.17 -31.86
C PHE B 312 -17.32 -20.27 -31.18
N GLY B 313 -17.21 -19.69 -29.99
CA GLY B 313 -15.94 -19.65 -29.31
C GLY B 313 -15.17 -18.40 -29.71
N PHE B 314 -13.86 -18.47 -29.60
CA PHE B 314 -13.06 -17.29 -29.83
C PHE B 314 -13.22 -16.83 -31.28
N PRO B 315 -13.45 -15.53 -31.52
CA PRO B 315 -13.62 -15.04 -32.90
C PRO B 315 -12.61 -15.57 -33.89
N GLN B 316 -12.98 -15.50 -35.17
CA GLN B 316 -12.22 -16.15 -36.21
C GLN B 316 -10.93 -15.41 -36.60
N SER B 317 -10.82 -14.10 -36.35
CA SER B 317 -9.56 -13.44 -36.70
C SER B 317 -9.33 -12.09 -36.03
N TYR B 318 -10.39 -11.32 -35.82
CA TYR B 318 -10.22 -9.92 -35.38
C TYR B 318 -9.74 -9.83 -33.94
N ILE B 319 -10.34 -10.58 -33.01
CA ILE B 319 -9.99 -10.41 -31.60
C ILE B 319 -8.48 -10.54 -31.42
N TYR B 320 -7.85 -11.49 -32.12
CA TYR B 320 -6.40 -11.68 -31.97
C TYR B 320 -5.61 -10.45 -32.40
N GLU B 321 -5.99 -9.81 -33.51
CA GLU B 321 -5.31 -8.59 -33.93
C GLU B 321 -5.54 -7.44 -32.95
N ILE B 322 -6.74 -7.38 -32.36
CA ILE B 322 -7.02 -6.34 -31.38
C ILE B 322 -6.13 -6.53 -30.16
N PHE B 323 -6.00 -7.76 -29.68
CA PHE B 323 -5.16 -8.01 -28.51
C PHE B 323 -3.70 -7.75 -28.80
N SER B 324 -3.21 -8.17 -29.98
CA SER B 324 -1.78 -8.18 -30.23
C SER B 324 -1.20 -6.78 -30.36
N ASN B 325 -2.03 -5.81 -30.74
CA ASN B 325 -1.56 -4.46 -31.05
C ASN B 325 -1.90 -3.47 -29.96
N MET B 326 -2.18 -3.93 -28.75
CA MET B 326 -2.51 -3.04 -27.64
C MET B 326 -1.25 -2.29 -27.18
N ASN B 327 -1.40 -0.99 -26.98
CA ASN B 327 -0.27 -0.12 -26.62
C ASN B 327 -0.17 0.03 -25.11
N ILE B 328 0.04 -1.09 -24.44
CA ILE B 328 0.16 -1.12 -22.99
C ILE B 328 1.37 -1.99 -22.64
N LYS B 329 1.80 -1.92 -21.38
CA LYS B 329 3.00 -2.62 -20.95
C LYS B 329 2.71 -3.93 -20.27
N ASN B 330 1.59 -4.03 -19.55
CA ASN B 330 1.19 -5.25 -18.85
C ASN B 330 -0.14 -5.74 -19.41
N PHE B 331 -0.21 -7.03 -19.72
CA PHE B 331 -1.38 -7.59 -20.36
C PHE B 331 -1.53 -9.04 -19.94
N THR B 332 -2.64 -9.36 -19.28
CA THR B 332 -2.96 -10.73 -18.89
C THR B 332 -4.26 -11.17 -19.56
N VAL B 333 -4.27 -12.39 -20.06
CA VAL B 333 -5.49 -13.04 -20.56
C VAL B 333 -5.41 -14.50 -20.14
N SER B 334 -6.30 -14.91 -19.23
CA SER B 334 -6.29 -16.26 -18.67
C SER B 334 -7.69 -16.84 -18.64
N GLY B 335 -7.76 -18.17 -18.65
CA GLY B 335 -9.03 -18.87 -18.58
C GLY B 335 -9.90 -18.61 -19.79
N THR B 336 -9.33 -18.83 -20.97
CA THR B 336 -10.00 -18.50 -22.22
C THR B 336 -9.63 -19.56 -23.26
N ARG B 337 -10.49 -19.70 -24.28
CA ARG B 337 -10.21 -20.63 -25.36
C ARG B 337 -9.45 -19.98 -26.51
N MET B 338 -8.58 -19.01 -26.18
CA MET B 338 -7.76 -18.31 -27.16
C MET B 338 -6.71 -19.26 -27.72
N VAL B 339 -6.56 -19.27 -29.04
CA VAL B 339 -5.65 -20.20 -29.69
C VAL B 339 -4.47 -19.53 -30.40
N HIS B 340 -4.49 -18.21 -30.60
CA HIS B 340 -3.29 -17.59 -31.14
CA HIS B 340 -3.40 -17.53 -31.29
C HIS B 340 -3.12 -16.17 -30.64
N MET B 341 -1.94 -15.63 -30.93
CA MET B 341 -1.53 -14.28 -30.57
C MET B 341 -0.44 -13.91 -31.55
N LEU B 342 -0.70 -12.91 -32.40
CA LEU B 342 0.17 -12.64 -33.54
C LEU B 342 1.23 -11.60 -33.18
N CYS B 343 2.27 -11.56 -34.01
CA CYS B 343 3.27 -10.52 -33.89
C CYS B 343 2.59 -9.16 -34.03
N PRO B 344 2.86 -8.21 -33.14
CA PRO B 344 2.25 -6.89 -33.28
C PRO B 344 2.60 -6.25 -34.62
N SER B 345 1.67 -5.45 -35.13
CA SER B 345 1.88 -4.77 -36.40
C SER B 345 3.12 -3.88 -36.33
N LYS B 346 3.23 -3.08 -35.28
CA LYS B 346 4.36 -2.20 -35.05
C LYS B 346 5.14 -2.67 -33.82
N ILE B 347 6.19 -1.91 -33.49
CA ILE B 347 7.01 -2.20 -32.33
C ILE B 347 6.15 -2.06 -31.07
N SER B 348 6.09 -3.12 -30.28
CA SER B 348 5.12 -3.16 -29.20
C SER B 348 5.74 -2.68 -27.89
N PRO B 349 4.97 -1.97 -27.07
CA PRO B 349 5.42 -1.66 -25.71
C PRO B 349 5.19 -2.78 -24.71
N PHE B 350 4.77 -3.96 -25.16
CA PHE B 350 4.53 -5.07 -24.23
C PHE B 350 5.78 -5.34 -23.40
N LEU B 351 5.57 -5.45 -22.09
CA LEU B 351 6.66 -5.61 -21.13
C LEU B 351 6.50 -6.88 -20.30
N HIS B 352 5.28 -7.20 -19.87
CA HIS B 352 5.00 -8.38 -19.07
C HIS B 352 3.71 -9.01 -19.58
N LEU B 353 3.82 -10.18 -20.21
CA LEU B 353 2.68 -10.87 -20.79
C LEU B 353 2.38 -12.16 -20.05
N ASP B 354 1.14 -12.33 -19.60
CA ASP B 354 0.68 -13.53 -18.92
C ASP B 354 -0.50 -14.12 -19.68
N PHE B 355 -0.26 -15.19 -20.43
CA PHE B 355 -1.29 -15.88 -21.20
C PHE B 355 -1.51 -17.30 -20.69
N SER B 356 -1.44 -17.49 -19.37
CA SER B 356 -1.59 -18.83 -18.82
C SER B 356 -3.04 -19.29 -18.88
N ASN B 357 -3.21 -20.59 -19.11
CA ASN B 357 -4.52 -21.23 -19.13
C ASN B 357 -5.35 -20.75 -20.32
N ASN B 358 -4.81 -20.92 -21.53
CA ASN B 358 -5.55 -20.76 -22.76
C ASN B 358 -5.27 -21.97 -23.64
N LEU B 359 -5.33 -21.80 -24.97
CA LEU B 359 -5.06 -22.89 -25.89
C LEU B 359 -3.99 -22.52 -26.92
N LEU B 360 -3.07 -21.63 -26.54
CA LEU B 360 -2.03 -21.18 -27.46
C LEU B 360 -1.16 -22.36 -27.90
N THR B 361 -0.68 -22.28 -29.14
CA THR B 361 0.14 -23.31 -29.76
C THR B 361 1.55 -22.78 -30.01
N ASP B 362 2.37 -23.60 -30.67
CA ASP B 362 3.79 -23.32 -30.82
C ASP B 362 4.06 -22.12 -31.73
N THR B 363 3.11 -21.71 -32.56
CA THR B 363 3.32 -20.61 -33.50
C THR B 363 3.02 -19.25 -32.90
N VAL B 364 2.67 -19.18 -31.61
CA VAL B 364 2.38 -17.90 -30.99
C VAL B 364 3.59 -16.98 -31.14
N PHE B 365 3.33 -15.75 -31.57
CA PHE B 365 4.36 -14.73 -31.75
C PHE B 365 5.47 -15.17 -32.71
N GLU B 366 5.20 -16.11 -33.60
CA GLU B 366 6.24 -16.59 -34.49
C GLU B 366 6.65 -15.50 -35.48
N ASN B 367 7.87 -15.61 -35.99
CA ASN B 367 8.39 -14.72 -37.03
C ASN B 367 8.21 -13.26 -36.63
N CYS B 368 8.63 -12.95 -35.40
CA CYS B 368 8.36 -11.65 -34.80
C CYS B 368 9.66 -10.99 -34.37
N GLY B 369 9.88 -9.77 -34.85
CA GLY B 369 10.99 -8.94 -34.40
C GLY B 369 10.49 -7.66 -33.76
N HIS B 370 9.24 -7.68 -33.29
CA HIS B 370 8.58 -6.49 -32.73
C HIS B 370 8.34 -6.59 -31.24
N LEU B 371 8.89 -7.60 -30.57
CA LEU B 371 8.75 -7.75 -29.12
C LEU B 371 10.12 -7.58 -28.47
N THR B 372 10.83 -6.52 -28.84
CA THR B 372 12.17 -6.27 -28.36
C THR B 372 12.22 -5.66 -26.97
N GLU B 373 11.09 -5.20 -26.44
CA GLU B 373 11.02 -4.71 -25.07
C GLU B 373 10.44 -5.73 -24.11
N LEU B 374 9.88 -6.83 -24.63
CA LEU B 374 9.26 -7.84 -23.79
C LEU B 374 10.27 -8.44 -22.83
N GLU B 375 9.96 -8.39 -21.54
CA GLU B 375 10.81 -8.91 -20.49
C GLU B 375 10.29 -10.19 -19.83
N THR B 376 8.97 -10.38 -19.80
CA THR B 376 8.37 -11.52 -19.13
C THR B 376 7.27 -12.10 -20.00
N LEU B 377 7.23 -13.43 -20.06
CA LEU B 377 6.21 -14.11 -20.86
C LEU B 377 5.83 -15.42 -20.18
N ILE B 378 4.55 -15.55 -19.83
CA ILE B 378 4.02 -16.75 -19.19
C ILE B 378 3.08 -17.43 -20.18
N LEU B 379 3.45 -18.62 -20.63
CA LEU B 379 2.62 -19.44 -21.50
C LEU B 379 2.21 -20.74 -20.81
N GLN B 380 2.19 -20.70 -19.48
CA GLN B 380 1.83 -21.86 -18.67
C GLN B 380 0.43 -22.35 -19.01
N MET B 381 0.28 -23.67 -19.10
CA MET B 381 -1.01 -24.31 -19.30
C MET B 381 -1.64 -23.86 -20.63
N ASN B 382 -1.01 -24.29 -21.71
CA ASN B 382 -1.55 -24.04 -23.05
C ASN B 382 -1.44 -25.31 -23.88
N GLN B 383 -0.94 -25.21 -25.12
CA GLN B 383 -0.83 -26.37 -26.00
C GLN B 383 0.50 -26.36 -26.73
N LEU B 384 1.56 -25.95 -26.05
CA LEU B 384 2.89 -25.94 -26.64
C LEU B 384 3.47 -27.35 -26.71
N LYS B 385 4.20 -27.63 -27.78
CA LYS B 385 4.65 -29.00 -28.03
C LYS B 385 6.10 -29.11 -28.49
N GLU B 386 6.57 -28.21 -29.35
CA GLU B 386 7.91 -28.31 -29.91
C GLU B 386 8.78 -27.20 -29.32
N LEU B 387 9.86 -27.59 -28.65
CA LEU B 387 10.70 -26.62 -27.96
C LEU B 387 11.55 -25.83 -28.94
N SER B 388 12.01 -26.47 -30.01
CA SER B 388 12.76 -25.75 -31.04
C SER B 388 11.93 -24.59 -31.58
N LYS B 389 10.64 -24.81 -31.79
CA LYS B 389 9.76 -23.75 -32.26
C LYS B 389 9.63 -22.66 -31.20
N ILE B 390 9.57 -23.05 -29.92
CA ILE B 390 9.43 -22.07 -28.84
C ILE B 390 10.71 -21.24 -28.71
N ALA B 391 11.87 -21.88 -28.90
CA ALA B 391 13.12 -21.15 -28.84
C ALA B 391 13.25 -20.18 -30.02
N GLU B 392 12.75 -20.59 -31.20
CA GLU B 392 12.77 -19.69 -32.35
C GLU B 392 11.90 -18.47 -32.11
N MET B 393 10.75 -18.64 -31.46
CA MET B 393 9.92 -17.50 -31.08
C MET B 393 10.72 -16.51 -30.27
N THR B 394 11.64 -17.00 -29.45
CA THR B 394 12.38 -16.19 -28.50
C THR B 394 13.55 -15.44 -29.14
N THR B 395 13.95 -15.83 -30.36
CA THR B 395 15.22 -15.36 -30.92
C THR B 395 15.32 -13.84 -30.90
N GLN B 396 14.33 -13.15 -31.47
CA GLN B 396 14.37 -11.69 -31.57
C GLN B 396 13.84 -10.98 -30.33
N MET B 397 13.42 -11.71 -29.29
CA MET B 397 12.99 -11.09 -28.05
C MET B 397 14.24 -10.74 -27.23
N LYS B 398 14.84 -9.60 -27.58
CA LYS B 398 16.16 -9.25 -27.09
C LYS B 398 16.18 -8.80 -25.63
N SER B 399 15.03 -8.53 -25.02
CA SER B 399 14.97 -8.16 -23.61
C SER B 399 14.35 -9.23 -22.73
N LEU B 400 13.98 -10.38 -23.30
CA LEU B 400 13.24 -11.40 -22.55
C LEU B 400 14.11 -12.00 -21.46
N GLN B 401 13.66 -11.87 -20.20
CA GLN B 401 14.39 -12.39 -19.05
C GLN B 401 13.75 -13.63 -18.44
N GLN B 402 12.42 -13.73 -18.47
CA GLN B 402 11.71 -14.87 -17.88
C GLN B 402 10.75 -15.45 -18.90
N LEU B 403 10.71 -16.77 -18.96
CA LEU B 403 9.80 -17.49 -19.86
C LEU B 403 9.24 -18.69 -19.12
N ASP B 404 7.91 -18.77 -19.04
CA ASP B 404 7.23 -19.87 -18.37
C ASP B 404 6.41 -20.62 -19.41
N ILE B 405 6.81 -21.85 -19.72
CA ILE B 405 6.06 -22.71 -20.63
C ILE B 405 5.72 -24.00 -19.90
N SER B 406 5.54 -23.92 -18.59
CA SER B 406 5.24 -25.09 -17.78
C SER B 406 3.80 -25.56 -18.04
N GLN B 407 3.55 -26.82 -17.69
CA GLN B 407 2.22 -27.43 -17.80
C GLN B 407 1.72 -27.37 -19.23
N ASN B 408 2.60 -27.73 -20.17
CA ASN B 408 2.25 -27.88 -21.57
C ASN B 408 2.57 -29.33 -21.94
N SER B 409 2.94 -29.58 -23.18
CA SER B 409 3.39 -30.91 -23.59
C SER B 409 4.65 -30.79 -24.44
N VAL B 410 5.64 -30.08 -23.90
CA VAL B 410 6.83 -29.72 -24.67
C VAL B 410 7.82 -30.88 -24.64
N SER B 411 8.18 -31.37 -25.83
CA SER B 411 9.32 -32.25 -26.03
C SER B 411 10.34 -31.53 -26.88
N TYR B 412 11.58 -32.03 -26.85
CA TYR B 412 12.66 -31.48 -27.66
C TYR B 412 13.25 -32.60 -28.52
N ASP B 413 13.34 -32.34 -29.82
CA ASP B 413 13.84 -33.31 -30.79
C ASP B 413 15.32 -33.01 -31.04
N GLU B 414 16.19 -33.85 -30.48
CA GLU B 414 17.63 -33.67 -30.62
C GLU B 414 18.08 -33.55 -32.07
N LYS B 415 17.31 -34.11 -33.00
CA LYS B 415 17.74 -34.10 -34.41
C LYS B 415 17.85 -32.69 -34.95
N LYS B 416 17.03 -31.76 -34.44
CA LYS B 416 16.98 -30.41 -34.98
C LYS B 416 18.21 -29.57 -34.64
N GLY B 417 19.08 -30.04 -33.77
CA GLY B 417 20.31 -29.31 -33.50
C GLY B 417 20.21 -28.24 -32.43
N ASP B 418 21.08 -27.23 -32.53
CA ASP B 418 21.14 -26.18 -31.52
C ASP B 418 19.85 -25.36 -31.50
N CYS B 419 19.53 -24.83 -30.33
CA CYS B 419 18.35 -24.01 -30.11
C CYS B 419 18.73 -22.53 -30.10
N SER B 420 17.94 -21.72 -30.80
CA SER B 420 18.24 -20.30 -30.96
C SER B 420 17.55 -19.47 -29.87
N TRP B 421 17.84 -19.82 -28.62
CA TRP B 421 17.38 -19.02 -27.50
C TRP B 421 18.03 -17.64 -27.53
N THR B 422 17.31 -16.65 -27.01
CA THR B 422 17.86 -15.31 -26.84
C THR B 422 18.89 -15.30 -25.71
N LYS B 423 19.94 -14.50 -25.88
CA LYS B 423 21.00 -14.46 -24.88
C LYS B 423 20.54 -13.84 -23.55
N SER B 424 19.41 -13.13 -23.55
CA SER B 424 18.94 -12.42 -22.36
C SER B 424 18.22 -13.30 -21.36
N LEU B 425 17.83 -14.52 -21.74
CA LEU B 425 17.00 -15.34 -20.86
C LEU B 425 17.75 -15.75 -19.61
N LEU B 426 17.20 -15.41 -18.45
CA LEU B 426 17.78 -15.76 -17.16
C LEU B 426 17.01 -16.85 -16.44
N SER B 427 15.67 -16.82 -16.50
CA SER B 427 14.83 -17.80 -15.85
C SER B 427 14.00 -18.55 -16.90
N LEU B 428 13.89 -19.86 -16.73
CA LEU B 428 13.18 -20.69 -17.70
C LEU B 428 12.46 -21.79 -16.95
N ASN B 429 11.13 -21.73 -16.93
CA ASN B 429 10.29 -22.71 -16.23
C ASN B 429 9.68 -23.64 -17.27
N MET B 430 10.20 -24.87 -17.34
CA MET B 430 9.69 -25.87 -18.28
C MET B 430 9.13 -27.09 -17.56
N SER B 431 8.78 -26.93 -16.29
CA SER B 431 8.24 -28.04 -15.51
C SER B 431 6.91 -28.50 -16.09
N SER B 432 6.58 -29.77 -15.83
CA SER B 432 5.31 -30.36 -16.28
C SER B 432 5.23 -30.36 -17.80
N ASN B 433 6.19 -31.04 -18.42
CA ASN B 433 6.19 -31.29 -19.85
C ASN B 433 6.72 -32.71 -20.05
N ILE B 434 7.15 -33.02 -21.27
CA ILE B 434 7.67 -34.35 -21.57
C ILE B 434 9.08 -34.22 -22.13
N LEU B 435 9.92 -33.46 -21.44
CA LEU B 435 11.31 -33.28 -21.84
C LEU B 435 12.17 -34.43 -21.31
N THR B 436 13.22 -34.75 -22.06
CA THR B 436 14.16 -35.79 -21.70
C THR B 436 15.52 -35.17 -21.36
N ASP B 437 16.53 -36.03 -21.16
CA ASP B 437 17.88 -35.55 -20.88
C ASP B 437 18.51 -34.82 -22.05
N THR B 438 17.91 -34.89 -23.25
CA THR B 438 18.39 -34.10 -24.37
C THR B 438 18.14 -32.61 -24.17
N ILE B 439 17.31 -32.24 -23.19
CA ILE B 439 16.99 -30.82 -22.96
C ILE B 439 18.25 -30.01 -22.72
N PHE B 440 19.27 -30.60 -22.11
CA PHE B 440 20.49 -29.88 -21.78
C PHE B 440 21.31 -29.53 -23.01
N ARG B 441 20.90 -29.97 -24.19
CA ARG B 441 21.45 -29.48 -25.45
C ARG B 441 20.69 -28.27 -25.99
N CYS B 442 19.61 -27.86 -25.31
CA CYS B 442 18.72 -26.81 -25.80
C CYS B 442 18.39 -25.85 -24.65
N LEU B 443 19.43 -25.24 -24.08
CA LEU B 443 19.28 -24.31 -22.97
C LEU B 443 20.02 -23.02 -23.26
N PRO B 444 19.45 -21.86 -22.92
CA PRO B 444 20.17 -20.59 -23.13
C PRO B 444 21.49 -20.58 -22.38
N PRO B 445 22.42 -19.68 -22.73
CA PRO B 445 23.80 -19.83 -22.24
C PRO B 445 24.04 -19.36 -20.82
N ARG B 446 23.54 -18.18 -20.45
CA ARG B 446 23.71 -17.65 -19.11
C ARG B 446 22.54 -17.95 -18.19
N ILE B 447 21.74 -18.97 -18.53
CA ILE B 447 20.55 -19.28 -17.72
C ILE B 447 20.95 -19.37 -16.26
N LYS B 448 20.12 -18.79 -15.40
CA LYS B 448 20.35 -18.80 -13.96
C LYS B 448 19.36 -19.65 -13.20
N VAL B 449 18.09 -19.65 -13.58
CA VAL B 449 17.07 -20.46 -12.94
C VAL B 449 16.49 -21.40 -13.99
N LEU B 450 16.34 -22.66 -13.63
CA LEU B 450 15.93 -23.70 -14.57
C LEU B 450 15.06 -24.69 -13.80
N ASP B 451 13.76 -24.67 -14.07
CA ASP B 451 12.79 -25.52 -13.38
C ASP B 451 12.36 -26.61 -14.34
N LEU B 452 12.80 -27.85 -14.07
CA LEU B 452 12.55 -28.98 -14.96
C LEU B 452 11.73 -30.08 -14.30
N HIS B 453 11.09 -29.82 -13.16
CA HIS B 453 10.42 -30.90 -12.45
C HIS B 453 9.17 -31.36 -13.21
N SER B 454 8.80 -32.62 -12.96
CA SER B 454 7.66 -33.26 -13.63
C SER B 454 7.89 -33.34 -15.14
N ASN B 455 8.98 -34.01 -15.51
CA ASN B 455 9.28 -34.29 -16.91
C ASN B 455 9.67 -35.76 -17.00
N LYS B 456 10.36 -36.13 -18.08
CA LYS B 456 10.78 -37.49 -18.36
C LYS B 456 12.31 -37.58 -18.38
N ILE B 457 12.97 -36.89 -17.46
CA ILE B 457 14.42 -36.90 -17.40
C ILE B 457 14.88 -38.16 -16.69
N LYS B 458 15.69 -38.97 -17.38
CA LYS B 458 16.23 -40.19 -16.82
C LYS B 458 17.71 -40.10 -16.49
N SER B 459 18.37 -39.00 -16.83
CA SER B 459 19.79 -38.84 -16.58
C SER B 459 20.13 -37.35 -16.64
N ILE B 460 21.32 -37.02 -16.15
CA ILE B 460 21.86 -35.68 -16.20
C ILE B 460 23.13 -35.71 -17.03
N PRO B 461 23.08 -35.23 -18.27
CA PRO B 461 24.19 -35.46 -19.21
C PRO B 461 25.36 -34.52 -18.96
N LYS B 462 26.42 -34.74 -19.73
CA LYS B 462 27.66 -33.97 -19.64
C LYS B 462 27.51 -32.54 -20.12
N GLN B 463 26.41 -32.19 -20.77
CA GLN B 463 26.22 -30.82 -21.23
C GLN B 463 25.92 -29.87 -20.07
N VAL B 464 25.48 -30.40 -18.93
CA VAL B 464 25.10 -29.53 -17.81
C VAL B 464 26.27 -28.67 -17.38
N VAL B 465 27.49 -29.23 -17.44
CA VAL B 465 28.67 -28.53 -16.94
C VAL B 465 28.84 -27.17 -17.61
N LYS B 466 28.28 -26.99 -18.79
CA LYS B 466 28.41 -25.73 -19.53
C LYS B 466 27.45 -24.65 -19.04
N LEU B 467 26.65 -24.92 -18.01
CA LEU B 467 25.73 -23.93 -17.46
C LEU B 467 26.45 -23.24 -16.29
N GLU B 468 27.44 -22.43 -16.66
CA GLU B 468 28.31 -21.80 -15.67
C GLU B 468 27.54 -20.88 -14.73
N ALA B 469 26.59 -20.12 -15.28
CA ALA B 469 25.84 -19.15 -14.49
C ALA B 469 24.69 -19.78 -13.71
N LEU B 470 24.44 -21.08 -13.87
CA LEU B 470 23.27 -21.69 -13.27
C LEU B 470 23.31 -21.53 -11.75
N GLN B 471 22.22 -20.98 -11.20
CA GLN B 471 22.10 -20.75 -9.78
C GLN B 471 21.06 -21.65 -9.12
N GLU B 472 19.96 -21.95 -9.81
CA GLU B 472 18.92 -22.82 -9.29
C GLU B 472 18.55 -23.85 -10.35
N LEU B 473 18.37 -25.10 -9.93
CA LEU B 473 18.11 -26.20 -10.84
C LEU B 473 17.14 -27.17 -10.18
N ASN B 474 15.95 -27.32 -10.76
CA ASN B 474 14.90 -28.15 -10.19
C ASN B 474 14.66 -29.33 -11.14
N VAL B 475 15.14 -30.50 -10.76
CA VAL B 475 14.92 -31.72 -11.53
C VAL B 475 14.14 -32.72 -10.68
N ALA B 476 13.35 -32.21 -9.74
CA ALA B 476 12.49 -33.07 -8.94
C ALA B 476 11.45 -33.77 -9.84
N SER B 477 10.79 -34.77 -9.26
CA SER B 477 9.68 -35.46 -9.92
C SER B 477 10.02 -35.83 -11.35
N ASN B 478 11.20 -36.42 -11.53
CA ASN B 478 11.58 -37.00 -12.81
C ASN B 478 11.80 -38.49 -12.60
N GLN B 479 12.76 -39.08 -13.30
CA GLN B 479 13.02 -40.52 -13.24
C GLN B 479 14.52 -40.77 -13.06
N LEU B 480 15.19 -39.89 -12.32
CA LEU B 480 16.63 -40.01 -12.12
C LEU B 480 16.93 -41.19 -11.21
N LYS B 481 17.82 -42.07 -11.68
CA LYS B 481 18.31 -43.19 -10.90
C LYS B 481 19.73 -43.00 -10.42
N SER B 482 20.53 -42.24 -11.17
CA SER B 482 21.90 -41.93 -10.79
C SER B 482 22.34 -40.70 -11.57
N VAL B 483 23.50 -40.18 -11.21
CA VAL B 483 24.14 -39.11 -11.97
C VAL B 483 25.61 -39.46 -12.13
N PRO B 484 26.29 -38.89 -13.12
CA PRO B 484 27.71 -39.18 -13.29
C PRO B 484 28.51 -38.71 -12.09
N ASP B 485 29.66 -39.35 -11.88
CA ASP B 485 30.56 -38.99 -10.80
C ASP B 485 31.14 -37.59 -11.05
N GLY B 486 30.77 -36.64 -10.19
CA GLY B 486 31.30 -35.30 -10.27
C GLY B 486 30.56 -34.39 -11.21
N ILE B 487 29.29 -34.68 -11.52
CA ILE B 487 28.54 -33.92 -12.51
C ILE B 487 28.13 -32.54 -12.00
N PHE B 488 28.26 -32.27 -10.70
CA PHE B 488 27.92 -30.96 -10.16
C PHE B 488 29.15 -30.19 -9.70
N ASP B 489 30.35 -30.76 -9.86
CA ASP B 489 31.57 -30.13 -9.38
C ASP B 489 31.97 -28.88 -10.16
N ARG B 490 31.38 -28.64 -11.33
CA ARG B 490 31.75 -27.50 -12.17
C ARG B 490 30.62 -26.49 -12.31
N LEU B 491 29.57 -26.62 -11.50
CA LEU B 491 28.48 -25.64 -11.44
C LEU B 491 28.76 -24.63 -10.32
N THR B 492 29.84 -23.86 -10.50
CA THR B 492 30.32 -23.00 -9.43
C THR B 492 29.29 -21.94 -9.02
N SER B 493 28.28 -21.70 -9.84
CA SER B 493 27.26 -20.71 -9.51
C SER B 493 26.07 -21.32 -8.79
N LEU B 494 26.02 -22.65 -8.67
CA LEU B 494 24.84 -23.32 -8.16
C LEU B 494 24.63 -22.96 -6.69
N GLN B 495 23.36 -22.72 -6.34
CA GLN B 495 23.00 -22.31 -4.98
C GLN B 495 21.85 -23.14 -4.44
N LYS B 496 20.96 -23.59 -5.32
CA LYS B 496 19.81 -24.38 -4.93
C LYS B 496 19.59 -25.48 -5.96
N ILE B 497 19.15 -26.64 -5.48
CA ILE B 497 18.91 -27.78 -6.38
C ILE B 497 17.85 -28.67 -5.74
N TRP B 498 16.88 -29.09 -6.56
CA TRP B 498 15.84 -30.02 -6.15
C TRP B 498 16.13 -31.37 -6.77
N LEU B 499 16.08 -32.41 -5.95
CA LEU B 499 16.30 -33.78 -6.43
C LEU B 499 15.23 -34.75 -5.94
N HIS B 500 14.30 -34.31 -5.10
CA HIS B 500 13.37 -35.24 -4.47
C HIS B 500 12.40 -35.81 -5.50
N THR B 501 11.66 -36.82 -5.06
CA THR B 501 10.67 -37.49 -5.91
C THR B 501 11.33 -38.08 -7.16
N ASN B 502 12.52 -38.65 -6.96
CA ASN B 502 13.23 -39.38 -8.00
C ASN B 502 13.67 -40.72 -7.45
N PRO B 503 13.56 -41.79 -8.23
CA PRO B 503 13.93 -43.13 -7.72
C PRO B 503 15.44 -43.35 -7.73
N TRP B 504 16.11 -42.84 -6.71
CA TRP B 504 17.57 -42.91 -6.65
C TRP B 504 18.01 -44.32 -6.28
N ASP B 505 18.92 -44.87 -7.07
CA ASP B 505 19.55 -46.16 -6.79
C ASP B 505 20.68 -45.93 -5.79
N CYS B 506 20.50 -46.42 -4.56
CA CYS B 506 21.42 -46.14 -3.46
C CYS B 506 22.34 -47.30 -3.18
N SER B 507 22.51 -48.21 -4.14
CA SER B 507 23.50 -49.27 -4.00
C SER B 507 24.89 -48.66 -4.01
N CYS B 508 25.68 -48.99 -3.00
CA CYS B 508 27.08 -48.58 -2.98
C CYS B 508 27.90 -49.43 -3.93
N PRO B 509 28.93 -48.85 -4.57
CA PRO B 509 29.41 -47.47 -4.41
C PRO B 509 28.80 -46.49 -5.40
N ARG B 510 27.80 -46.94 -6.17
CA ARG B 510 27.26 -46.12 -7.24
C ARG B 510 26.65 -44.82 -6.71
N ILE B 511 26.23 -44.80 -5.44
CA ILE B 511 25.55 -43.65 -4.86
C ILE B 511 26.50 -42.86 -3.96
N ASP B 512 27.80 -43.14 -4.05
CA ASP B 512 28.74 -42.53 -3.13
C ASP B 512 28.93 -41.05 -3.45
N TYR B 513 29.20 -40.72 -4.72
CA TYR B 513 29.41 -39.33 -5.09
C TYR B 513 28.19 -38.47 -4.76
N LEU B 514 26.98 -38.94 -5.10
CA LEU B 514 25.79 -38.12 -4.88
C LEU B 514 25.44 -38.03 -3.40
N SER B 515 25.79 -39.04 -2.61
CA SER B 515 25.49 -38.99 -1.19
C SER B 515 26.45 -38.04 -0.49
N ARG B 516 27.76 -38.22 -0.71
CA ARG B 516 28.75 -37.31 -0.14
C ARG B 516 28.49 -35.88 -0.58
N TRP B 517 28.29 -35.67 -1.88
CA TRP B 517 28.09 -34.32 -2.39
C TRP B 517 26.89 -33.64 -1.75
N LEU B 518 25.78 -34.37 -1.60
CA LEU B 518 24.60 -33.77 -0.97
C LEU B 518 24.87 -33.47 0.51
N ASN B 519 25.54 -34.40 1.20
CA ASN B 519 25.86 -34.17 2.60
C ASN B 519 26.68 -32.90 2.77
N LYS B 520 27.71 -32.73 1.93
CA LYS B 520 28.52 -31.52 1.98
C LYS B 520 27.67 -30.29 1.71
N ASN B 521 27.00 -30.26 0.56
CA ASN B 521 26.19 -29.10 0.17
C ASN B 521 24.78 -29.28 0.74
N SER B 522 24.70 -29.16 2.07
CA SER B 522 23.43 -29.41 2.76
C SER B 522 22.43 -28.29 2.47
N GLN B 523 22.87 -27.04 2.57
CA GLN B 523 21.95 -25.92 2.46
C GLN B 523 21.39 -25.78 1.05
N LYS B 524 22.04 -26.42 0.06
CA LYS B 524 21.63 -26.24 -1.32
C LYS B 524 20.43 -27.10 -1.69
N GLU B 525 20.29 -28.28 -1.08
CA GLU B 525 19.24 -29.20 -1.48
C GLU B 525 17.89 -28.70 -0.94
N GLN B 526 16.91 -28.63 -1.83
CA GLN B 526 15.56 -28.22 -1.48
C GLN B 526 14.70 -29.47 -1.40
N GLY B 527 14.07 -29.68 -0.26
CA GLY B 527 13.40 -30.93 -0.03
C GLY B 527 14.41 -32.02 0.28
N SER B 528 13.95 -33.26 0.25
CA SER B 528 14.78 -34.39 0.64
C SER B 528 14.70 -35.47 -0.44
N ALA B 529 15.77 -35.61 -1.22
CA ALA B 529 15.90 -36.75 -2.11
C ALA B 529 16.04 -38.01 -1.27
N LYS B 530 15.23 -39.02 -1.57
CA LYS B 530 15.15 -40.23 -0.77
C LYS B 530 15.50 -41.44 -1.61
N CYS B 531 16.08 -42.45 -0.96
CA CYS B 531 16.51 -43.65 -1.65
C CYS B 531 15.32 -44.45 -2.15
N SER B 532 15.52 -45.13 -3.27
CA SER B 532 14.48 -45.97 -3.87
C SER B 532 14.30 -47.24 -3.05
N GLY B 533 13.11 -47.42 -2.48
CA GLY B 533 12.77 -48.61 -1.72
C GLY B 533 13.12 -48.50 -0.25
N SER B 534 14.32 -48.00 0.04
CA SER B 534 14.74 -47.81 1.41
C SER B 534 14.12 -46.57 2.04
N GLY B 535 13.74 -45.59 1.23
CA GLY B 535 13.14 -44.37 1.73
C GLY B 535 14.07 -43.46 2.50
N LYS B 536 15.25 -43.94 2.88
CA LYS B 536 16.18 -43.11 3.65
C LYS B 536 16.69 -41.95 2.79
N PRO B 537 16.92 -40.79 3.39
CA PRO B 537 17.47 -39.66 2.63
C PRO B 537 18.83 -39.97 2.01
N VAL B 538 18.97 -39.59 0.74
CA VAL B 538 20.23 -39.79 0.04
C VAL B 538 21.34 -39.04 0.74
N ARG B 539 20.99 -37.98 1.48
CA ARG B 539 21.99 -37.24 2.24
C ARG B 539 22.74 -38.11 3.22
N SER B 540 22.12 -39.19 3.69
CA SER B 540 22.63 -39.95 4.82
C SER B 540 23.22 -41.30 4.43
N ILE B 541 23.84 -41.40 3.26
CA ILE B 541 24.47 -42.65 2.83
C ILE B 541 25.99 -42.46 2.80
N ILE B 542 26.70 -43.34 3.50
CA ILE B 542 28.15 -43.33 3.60
C ILE B 542 28.65 -44.69 3.13
N CYS B 543 29.03 -44.79 1.87
CA CYS B 543 29.51 -46.06 1.34
C CYS B 543 30.89 -46.37 1.88
N PRO B 544 31.12 -47.59 2.39
CA PRO B 544 32.43 -47.90 2.98
C PRO B 544 33.55 -47.82 1.96
N THR B 545 34.78 -47.88 2.48
CA THR B 545 35.97 -47.87 1.64
C THR B 545 35.97 -49.05 0.68
C1 NAG C . -5.11 8.79 14.02
C2 NAG C . -5.32 8.68 12.51
C3 NAG C . -5.10 7.23 12.05
C4 NAG C . -3.77 6.70 12.56
C5 NAG C . -3.65 6.91 14.06
C6 NAG C . -2.31 6.49 14.62
C7 NAG C . -6.90 10.26 11.48
C8 NAG C . -8.33 10.56 11.19
N2 NAG C . -6.65 9.12 12.14
O3 NAG C . -5.13 7.19 10.63
O4 NAG C . -3.67 5.30 12.28
O5 NAG C . -3.82 8.30 14.36
O6 NAG C . -2.03 7.15 15.84
O7 NAG C . -5.99 11.01 11.13
H2 NAG C . -4.66 9.23 12.07
H3 NAG C . -5.82 6.67 12.41
H4 NAG C . -3.04 7.17 12.11
H5 NAG C . -4.35 6.39 14.51
H61 NAG C . -1.61 6.71 13.96
H62 NAG C . -2.31 5.53 14.78
H81 NAG C . -8.40 11.41 10.71
H82 NAG C . -8.83 10.62 12.02
H83 NAG C . -8.71 9.85 10.63
HN2 NAG C . -7.36 8.60 12.38
HO3 NAG C . -4.51 6.63 10.34
HO6 NAG C . -2.44 7.94 15.85
C1 NAG C . -2.81 4.56 11.42
C2 NAG C . -3.15 3.07 11.42
C3 NAG C . -2.17 2.31 10.53
C4 NAG C . -2.14 2.93 9.13
C5 NAG C . -1.87 4.42 9.22
C6 NAG C . -1.98 5.12 7.87
C7 NAG C . -4.25 2.31 13.47
C8 NAG C . -4.05 1.76 14.85
N2 NAG C . -3.14 2.53 12.76
O3 NAG C . -2.57 0.95 10.45
O4 NAG C . -1.12 2.31 8.36
O5 NAG C . -2.83 5.05 10.08
O6 NAG C . -0.90 4.77 7.02
O7 NAG C . -5.37 2.55 13.01
H2 NAG C . -4.05 2.96 11.05
H3 NAG C . -1.28 2.36 10.92
H4 NAG C . -3.01 2.78 8.71
H5 NAG C . -0.98 4.57 9.58
H61 NAG C . -1.96 6.08 8.02
H62 NAG C . -2.82 4.86 7.45
H81 NAG C . -4.93 1.62 15.28
H82 NAG C . -3.54 2.38 15.39
H83 NAG C . -3.59 0.91 14.80
HN2 NAG C . -2.34 2.35 13.15
HO3 NAG C . -2.00 0.50 9.92
HO4 NAG C . -0.46 2.89 8.22
HO6 NAG C . -1.00 5.17 6.24
C1 NAG D . 8.93 0.15 19.62
C2 NAG D . 8.78 -0.56 18.27
C3 NAG D . 10.14 -0.72 17.61
C4 NAG D . 10.83 0.64 17.51
C5 NAG D . 10.85 1.35 18.86
C6 NAG D . 11.33 2.77 18.75
C7 NAG D . 6.93 -2.13 17.94
C8 NAG D . 6.41 -3.52 18.21
N2 NAG D . 8.14 -1.85 18.44
O3 NAG D . 9.97 -1.27 16.31
O4 NAG D . 12.18 0.45 17.08
O5 NAG D . 9.54 1.41 19.42
O6 NAG D . 11.74 3.30 20.00
O7 NAG D . 6.28 -1.31 17.30
H2 NAG D . 8.22 0.00 17.70
H3 NAG D . 10.69 -1.32 18.15
H4 NAG D . 10.35 1.19 16.87
H5 NAG D . 11.42 0.85 19.48
H61 NAG D . 10.61 3.32 18.39
H62 NAG D . 12.09 2.80 18.13
H81 NAG D . 5.54 -3.63 17.78
H82 NAG D . 6.32 -3.65 19.17
H83 NAG D . 7.04 -4.17 17.84
HN2 NAG D . 8.57 -2.50 18.91
HO3 NAG D . 10.75 -1.52 15.99
HO6 NAG D . 11.04 3.39 20.52
C1 NAG D . 12.82 0.48 15.76
C2 NAG D . 14.30 0.63 15.90
C3 NAG D . 14.91 0.57 14.50
C4 NAG D . 14.49 -0.71 13.78
C5 NAG D . 13.02 -1.02 13.91
C6 NAG D . 12.82 -2.49 13.68
C7 NAG D . 15.37 1.92 17.65
C8 NAG D . 15.80 3.26 18.09
N2 NAG D . 14.62 1.87 16.58
O3 NAG D . 16.34 0.59 14.58
O4 NAG D . 14.79 -0.59 12.40
O5 NAG D . 12.50 -0.74 15.19
O6 NAG D . 11.48 -2.86 13.98
O7 NAG D . 15.74 0.93 18.21
H2 NAG D . 14.69 -0.21 16.50
H3 NAG D . 14.55 1.43 13.93
H4 NAG D . 15.06 -1.54 14.21
H5 NAG D . 12.46 -0.45 13.14
H61 NAG D . 13.51 -3.06 14.30
H62 NAG D . 13.03 -2.73 12.64
H81 NAG D . 15.01 3.95 17.95
H82 NAG D . 16.63 3.57 17.50
H83 NAG D . 16.08 3.23 19.10
HN2 NAG D . 14.32 2.73 16.14
HO3 NAG D . 16.70 -0.26 14.29
HO4 NAG D . 15.35 -1.32 12.13
HO6 NAG D . 10.88 -2.20 13.62
C1 NAG E . 3.40 -5.90 -14.46
C2 NAG E . 3.25 -5.24 -13.11
C3 NAG E . 4.46 -5.55 -12.24
C4 NAG E . 4.65 -7.07 -12.15
C5 NAG E . 4.68 -7.70 -13.54
C6 NAG E . 4.66 -9.21 -13.49
C7 NAG E . 1.93 -3.18 -12.88
C8 NAG E . 1.92 -1.69 -13.06
N2 NAG E . 3.07 -3.80 -13.22
O3 NAG E . 4.28 -5.01 -10.95
O4 NAG E . 5.88 -7.35 -11.48
O5 NAG E . 3.53 -7.30 -14.30
O6 NAG E . 5.61 -9.79 -14.37
O7 NAG E . 0.96 -3.79 -12.45
H2 NAG E . 2.45 -5.61 -12.67
H3 NAG E . 5.25 -5.16 -12.64
H4 NAG E . 3.91 -7.45 -11.65
H5 NAG E . 5.49 -7.39 -14.00
H61 NAG E . 3.77 -9.52 -13.74
H62 NAG E . 4.86 -9.50 -12.58
H81 NAG E . 1.52 -1.27 -12.29
H82 NAG E . 1.39 -1.47 -13.86
H83 NAG E . 2.83 -1.37 -13.19
HN2 NAG E . 3.76 -3.30 -13.55
HO3 NAG E . 5.00 -5.17 -10.44
HO6 NAG E . 5.56 -10.67 -14.33
C1 NAG E . 5.96 -8.24 -10.43
C2 NAG E . 7.41 -8.49 -10.04
C3 NAG E . 7.47 -9.38 -8.80
C4 NAG E . 6.62 -8.81 -7.69
C5 NAG E . 5.20 -8.54 -8.19
C6 NAG E . 4.33 -7.84 -7.16
C7 NAG E . 8.83 -8.39 -12.04
C8 NAG E . 9.53 -9.19 -13.10
N2 NAG E . 8.14 -9.10 -11.14
O3 NAG E . 8.83 -9.48 -8.36
O4 NAG E . 6.55 -9.73 -6.60
O5 NAG E . 5.26 -7.68 -9.33
O6 NAG E . 2.96 -7.86 -7.56
O7 NAG E . 8.91 -7.17 -12.00
H2 NAG E . 7.82 -7.63 -9.82
H3 NAG E . 7.14 -10.27 -9.02
H4 NAG E . 7.01 -7.97 -7.37
H5 NAG E . 4.78 -9.39 -8.44
H61 NAG E . 4.62 -6.93 -7.06
H62 NAG E . 4.41 -8.32 -6.31
H81 NAG E . 10.00 -8.58 -13.70
H82 NAG E . 8.87 -9.70 -13.60
H83 NAG E . 10.17 -9.80 -12.69
HN2 NAG E . 8.13 -10.01 -11.21
HO3 NAG E . 8.87 -9.35 -7.49
HO6 NAG E . 2.47 -7.44 -6.95
C1 NAG E . 7.00 -9.62 -5.24
C2 NAG E . 6.89 -10.95 -4.48
C3 NAG E . 7.39 -10.78 -3.05
C4 NAG E . 8.80 -10.19 -3.05
C5 NAG E . 8.83 -8.90 -3.87
C6 NAG E . 10.22 -8.31 -4.01
C7 NAG E . 5.00 -12.08 -5.54
C8 NAG E . 3.58 -12.54 -5.38
N2 NAG E . 5.53 -11.45 -4.49
O3 NAG E . 7.39 -12.04 -2.40
O4 NAG E . 9.21 -9.91 -1.72
O5 NAG E . 8.34 -9.15 -5.20
O6 NAG E . 11.16 -9.30 -4.39
O7 NAG E . 5.64 -12.29 -6.58
H2 NAG E . 7.46 -11.59 -4.93
H3 NAG E . 6.80 -10.17 -2.58
H4 NAG E . 9.41 -10.83 -3.45
H5 NAG E . 8.25 -8.24 -3.43
H61 NAG E . 10.48 -7.92 -3.15
H62 NAG E . 10.20 -7.61 -4.69
H81 NAG E . 3.29 -13.00 -6.20
H82 NAG E . 3.00 -11.76 -5.22
H83 NAG E . 3.52 -13.15 -4.62
HN2 NAG E . 5.02 -11.32 -3.75
HO3 NAG E . 7.66 -11.94 -1.56
HO4 NAG E . 10.10 -9.86 -1.69
HO6 NAG E . 11.97 -8.93 -4.44
C1 NAG F . 7.14 -23.27 -12.63
C2 NAG F . 7.43 -22.74 -11.24
C3 NAG F . 6.84 -23.68 -10.20
C4 NAG F . 5.34 -23.84 -10.47
C5 NAG F . 5.05 -24.19 -11.92
C6 NAG F . 3.59 -24.06 -12.27
C7 NAG F . 9.44 -21.40 -10.76
C8 NAG F . 10.93 -21.43 -10.57
N2 NAG F . 8.86 -22.59 -11.02
O3 NAG F . 7.07 -23.13 -8.91
O4 NAG F . 4.85 -24.90 -9.64
O5 NAG F . 5.75 -23.31 -12.82
O6 NAG F . 3.23 -24.94 -13.32
O7 NAG F . 8.79 -20.36 -10.69
H2 NAG F . 7.01 -21.86 -11.15
H3 NAG F . 7.27 -24.54 -10.25
H4 NAG F . 4.90 -22.99 -10.25
H5 NAG F . 5.37 -25.10 -12.08
H61 NAG F . 3.40 -23.14 -12.54
H62 NAG F . 3.06 -24.27 -11.47
H81 NAG F . 11.25 -20.52 -10.42
H82 NAG F . 11.35 -21.81 -11.37
H83 NAG F . 11.14 -21.99 -9.79
HN2 NAG F . 9.39 -23.32 -11.07
HO3 NAG F . 6.38 -23.31 -8.38
C1 NAG F . 3.74 -24.69 -8.73
C2 NAG F . 3.34 -26.13 -8.40
C3 NAG F . 2.49 -26.16 -7.12
C4 NAG F . 3.21 -25.44 -6.00
C5 NAG F . 3.58 -24.03 -6.44
C6 NAG F . 4.36 -23.26 -5.40
C7 NAG F . 3.10 -27.79 -10.19
C8 NAG F . 2.23 -28.28 -11.30
N2 NAG F . 2.63 -26.74 -9.50
O3 NAG F . 2.23 -27.51 -6.76
O4 NAG F . 2.37 -25.38 -4.84
O5 NAG F . 4.40 -24.09 -7.61
O6 NAG F . 5.50 -23.97 -4.97
O7 NAG F . 4.18 -28.30 -9.93
H2 NAG F . 4.16 -26.64 -8.22
H3 NAG F . 1.64 -25.71 -7.30
H4 NAG F . 4.02 -25.93 -5.76
H5 NAG F . 2.76 -23.53 -6.65
H61 NAG F . 3.77 -23.09 -4.63
H62 NAG F . 4.63 -22.41 -5.78
H81 NAG F . 2.66 -29.05 -11.73
H82 NAG F . 2.09 -27.58 -11.96
H83 NAG F . 1.36 -28.55 -10.94
HN2 NAG F . 1.81 -26.40 -9.74
HO3 NAG F . 1.66 -27.53 -6.08
HO4 NAG F . 2.05 -24.55 -4.76
HO6 NAG F . 5.93 -23.51 -4.34
C1 NAG G . 18.66 12.73 -8.43
C2 NAG G . 17.72 12.04 -7.45
C3 NAG G . 17.48 12.94 -6.24
C4 NAG G . 18.81 13.30 -5.60
C5 NAG G . 19.73 13.94 -6.64
C6 NAG G . 21.12 14.21 -6.11
C7 NAG G . 16.35 10.65 -8.94
C8 NAG G . 14.98 10.41 -9.50
N2 NAG G . 16.47 11.68 -8.08
O3 NAG G . 16.65 12.27 -5.29
O4 NAG G . 18.61 14.20 -4.51
O5 NAG G . 19.89 13.07 -7.77
O6 NAG G . 21.81 12.99 -5.88
O7 NAG G . 17.32 9.95 -9.25
H2 NAG G . 18.16 11.22 -7.14
H3 NAG G . 17.03 13.75 -6.53
H4 NAG G . 19.24 12.50 -5.25
H5 NAG G . 19.33 14.78 -6.94
H61 NAG G . 21.05 14.70 -5.26
H62 NAG G . 21.61 14.75 -6.75
H81 NAG G . 15.06 10.01 -10.38
H82 NAG G . 14.51 11.26 -9.57
H83 NAG G . 14.50 9.81 -8.91
HN2 NAG G . 15.73 12.17 -7.89
HO3 NAG G . 16.48 12.81 -4.61
HO4 NAG G . 19.23 14.06 -3.89
HO6 NAG G . 22.20 12.73 -6.63
C1 NAG H . -15.44 -17.77 9.77
C2 NAG H . -14.09 -17.62 9.05
C3 NAG H . -14.29 -17.59 7.54
C4 NAG H . -15.11 -18.79 7.08
C5 NAG H . -16.42 -18.85 7.86
C6 NAG H . -17.26 -20.06 7.53
C7 NAG H . -12.98 -16.24 10.76
C8 NAG H . -12.27 -14.94 11.04
N2 NAG H . -13.39 -16.42 9.50
O3 NAG H . -13.02 -17.60 6.89
O4 NAG H . -15.40 -18.70 5.69
O5 NAG H . -16.13 -18.91 9.27
O6 NAG H . -16.69 -21.25 8.05
O7 NAG H . -13.16 -17.08 11.63
H2 NAG H . -13.55 -18.41 9.27
H3 NAG H . -14.76 -16.78 7.30
H4 NAG H . -14.61 -19.61 7.24
H5 NAG H . -16.94 -18.04 7.68
H61 NAG H . -17.33 -20.14 6.56
H62 NAG H . -18.15 -19.94 7.91
H81 NAG H . -12.01 -14.91 11.97
H82 NAG H . -12.87 -14.20 10.83
H83 NAG H . -11.48 -14.88 10.47
HN2 NAG H . -13.23 -15.77 8.88
HO3 NAG H . -13.13 -17.59 6.02
HO4 NAG H . -15.46 -19.50 5.35
HO6 NAG H . -17.33 -21.78 8.36
C1 NAG I . -8.57 9.85 3.07
C2 NAG I . -8.49 11.27 2.55
C3 NAG I . -7.74 11.29 1.23
C4 NAG I . -6.37 10.65 1.40
C5 NAG I . -6.47 9.28 2.06
C6 NAG I . -5.12 8.72 2.48
C7 NAG I . -10.17 12.81 1.55
C8 NAG I . -11.59 13.26 1.62
N2 NAG I . -9.82 11.84 2.43
O3 NAG I . -7.56 12.63 0.78
O4 NAG I . -5.74 10.51 0.13
O5 NAG I . -7.26 9.34 3.26
O6 NAG I . -5.26 7.53 3.24
O7 NAG I . -9.37 13.27 0.75
H2 NAG I . -7.99 11.82 3.18
H3 NAG I . -8.26 10.80 0.56
H4 NAG I . -5.82 11.22 1.98
H5 NAG I . -6.91 8.66 1.44
H61 NAG I . -4.67 9.40 3.01
H62 NAG I . -4.60 8.53 1.68
H81 NAG I . -11.74 13.96 0.96
H82 NAG I . -11.78 13.62 2.51
H83 NAG I . -12.19 12.50 1.44
HN2 NAG I . -10.47 11.52 2.98
HO3 NAG I . -6.81 12.70 0.32
HO4 NAG I . -4.90 10.24 0.24
HO6 NAG I . -6.08 7.48 3.57
#